data_2KTM
#
_entry.id   2KTM
#
_entity_poly.entity_id   1
_entity_poly.type   'polypeptide(L)'
_entity_poly.pdbx_seq_one_letter_code
;MGSSHHHHHHSSGLVPRGSHMRPVDQYSNQNNFVHDCVNITVKQHTVTTTTKGENFTETDIKAMERVVEQMCITQYQRES
QAYYQRGAS
;
_entity_poly.pdbx_strand_id   A
#
# COMPACT_ATOMS: atom_id res chain seq x y z
N ARG A 22 -10.59 -6.67 -17.95
CA ARG A 22 -9.25 -6.74 -17.33
C ARG A 22 -9.33 -6.42 -15.84
N PRO A 23 -8.82 -7.33 -14.99
CA PRO A 23 -8.93 -7.19 -13.54
C PRO A 23 -7.83 -6.31 -12.95
N VAL A 24 -7.44 -5.28 -13.68
CA VAL A 24 -6.41 -4.37 -13.24
C VAL A 24 -7.00 -3.05 -12.81
N ASP A 25 -8.25 -3.09 -12.36
CA ASP A 25 -8.98 -1.89 -11.97
C ASP A 25 -8.25 -1.15 -10.85
N GLN A 26 -7.19 -1.78 -10.32
CA GLN A 26 -6.32 -1.20 -9.31
C GLN A 26 -5.77 0.15 -9.74
N TYR A 27 -5.60 0.35 -11.05
CA TYR A 27 -5.17 1.65 -11.57
C TYR A 27 -6.39 2.53 -11.85
N SER A 28 -7.41 1.92 -12.44
CA SER A 28 -8.66 2.61 -12.74
C SER A 28 -9.26 3.31 -11.51
N ASN A 29 -9.20 2.67 -10.35
CA ASN A 29 -9.82 3.23 -9.14
C ASN A 29 -8.78 3.90 -8.23
N GLN A 30 -7.71 4.38 -8.87
CA GLN A 30 -6.46 4.81 -8.22
C GLN A 30 -6.70 5.59 -6.92
N ASN A 31 -7.47 6.67 -6.99
CA ASN A 31 -7.69 7.53 -5.82
C ASN A 31 -8.32 6.78 -4.66
N ASN A 32 -9.36 6.00 -4.96
CA ASN A 32 -10.05 5.22 -3.94
C ASN A 32 -9.17 4.09 -3.45
N PHE A 33 -8.40 3.53 -4.37
CA PHE A 33 -7.45 2.47 -4.05
C PHE A 33 -6.43 2.95 -3.05
N VAL A 34 -5.86 4.12 -3.30
CA VAL A 34 -4.87 4.71 -2.40
C VAL A 34 -5.44 4.86 -0.99
N HIS A 35 -6.63 5.40 -0.89
CA HIS A 35 -7.23 5.61 0.43
C HIS A 35 -7.48 4.28 1.13
N ASP A 36 -8.16 3.37 0.44
CA ASP A 36 -8.59 2.11 1.05
C ASP A 36 -7.43 1.14 1.27
N CYS A 37 -6.69 0.85 0.20
CA CYS A 37 -5.61 -0.12 0.24
C CYS A 37 -4.51 0.33 1.18
N VAL A 38 -4.10 1.59 1.07
CA VAL A 38 -3.03 2.08 1.93
C VAL A 38 -3.46 2.03 3.38
N ASN A 39 -4.73 2.26 3.63
CA ASN A 39 -5.25 2.10 4.99
C ASN A 39 -5.06 0.66 5.48
N ILE A 40 -5.58 -0.31 4.72
CA ILE A 40 -5.48 -1.71 5.14
C ILE A 40 -4.04 -2.17 5.23
N THR A 41 -3.20 -1.70 4.33
CA THR A 41 -1.76 -1.98 4.45
C THR A 41 -1.15 -1.29 5.66
N VAL A 42 -1.67 -0.12 6.02
CA VAL A 42 -1.26 0.50 7.26
C VAL A 42 -1.61 -0.41 8.42
N LYS A 43 -2.84 -0.94 8.39
CA LYS A 43 -3.28 -1.90 9.38
C LYS A 43 -2.30 -3.07 9.41
N GLN A 44 -1.97 -3.58 8.22
CA GLN A 44 -1.03 -4.68 8.06
C GLN A 44 0.31 -4.38 8.73
N HIS A 45 0.93 -3.29 8.33
CA HIS A 45 2.26 -2.96 8.79
C HIS A 45 2.25 -2.64 10.29
N THR A 46 1.24 -1.89 10.73
CA THR A 46 1.11 -1.56 12.14
C THR A 46 0.88 -2.81 12.97
N VAL A 47 0.07 -3.74 12.46
CA VAL A 47 -0.18 -5.00 13.14
C VAL A 47 1.11 -5.78 13.37
N THR A 48 1.86 -6.01 12.29
CA THR A 48 3.13 -6.74 12.40
C THR A 48 4.10 -6.01 13.31
N THR A 49 4.16 -4.69 13.17
CA THR A 49 5.02 -3.86 13.97
C THR A 49 4.51 -3.75 15.42
N THR A 50 3.27 -4.13 15.63
CA THR A 50 2.74 -4.22 16.99
C THR A 50 3.11 -5.57 17.58
N THR A 51 3.09 -6.61 16.76
CA THR A 51 3.40 -7.92 17.27
C THR A 51 4.92 -8.13 17.37
N LYS A 52 5.69 -7.20 16.82
CA LYS A 52 7.15 -7.22 16.93
C LYS A 52 7.61 -6.91 18.36
N GLY A 53 6.65 -6.68 19.26
CA GLY A 53 6.99 -6.33 20.63
C GLY A 53 6.27 -5.08 21.10
N GLU A 54 5.21 -4.71 20.36
CA GLU A 54 4.36 -3.56 20.66
C GLU A 54 5.16 -2.33 21.08
N ASN A 55 5.84 -1.70 20.12
CA ASN A 55 6.61 -0.49 20.39
C ASN A 55 6.24 0.60 19.39
N PHE A 56 6.55 0.35 18.11
CA PHE A 56 6.20 1.27 17.01
C PHE A 56 6.42 2.73 17.38
N THR A 57 5.33 3.44 17.64
CA THR A 57 5.33 4.84 18.06
C THR A 57 5.13 5.68 16.82
N GLU A 58 4.52 6.86 16.93
CA GLU A 58 4.21 7.66 15.76
C GLU A 58 5.42 7.77 14.81
N THR A 59 6.61 7.78 15.38
CA THR A 59 7.83 7.82 14.60
C THR A 59 7.89 6.65 13.64
N ASP A 60 7.74 5.46 14.19
CA ASP A 60 7.81 4.24 13.42
C ASP A 60 6.58 4.11 12.55
N ILE A 61 5.43 4.51 13.09
CA ILE A 61 4.15 4.31 12.40
C ILE A 61 3.97 5.24 11.22
N LYS A 62 4.33 6.51 11.36
CA LYS A 62 4.32 7.42 10.22
C LYS A 62 5.30 6.91 9.19
N ALA A 63 6.48 6.53 9.65
CA ALA A 63 7.48 5.92 8.78
C ALA A 63 6.93 4.67 8.10
N MET A 64 6.15 3.90 8.85
CA MET A 64 5.47 2.72 8.32
C MET A 64 4.57 3.12 7.17
N GLU A 65 3.66 4.05 7.45
CA GLU A 65 2.67 4.51 6.46
C GLU A 65 3.33 5.02 5.18
N ARG A 66 4.55 5.54 5.29
CA ARG A 66 5.28 6.01 4.11
C ARG A 66 5.58 4.81 3.21
N VAL A 67 6.12 3.79 3.82
CA VAL A 67 6.42 2.54 3.13
C VAL A 67 5.14 1.86 2.72
N VAL A 68 4.10 2.03 3.53
CA VAL A 68 2.80 1.42 3.30
C VAL A 68 2.08 2.01 2.09
N GLU A 69 2.06 3.34 1.95
CA GLU A 69 1.45 3.93 0.77
C GLU A 69 2.15 3.41 -0.47
N GLN A 70 3.47 3.34 -0.41
CA GLN A 70 4.25 2.73 -1.46
C GLN A 70 3.98 1.23 -1.55
N MET A 71 3.60 0.61 -0.44
CA MET A 71 3.33 -0.83 -0.41
C MET A 71 2.14 -1.18 -1.30
N CYS A 72 1.05 -0.48 -1.10
CA CYS A 72 -0.14 -0.70 -1.93
C CYS A 72 0.04 -0.11 -3.32
N ILE A 73 0.67 1.06 -3.39
CA ILE A 73 0.90 1.72 -4.66
C ILE A 73 1.84 0.89 -5.53
N THR A 74 2.81 0.25 -4.91
CA THR A 74 3.65 -0.72 -5.59
C THR A 74 2.81 -1.85 -6.19
N GLN A 75 1.89 -2.38 -5.40
CA GLN A 75 1.02 -3.46 -5.87
C GLN A 75 0.06 -2.97 -6.95
N TYR A 76 -0.29 -1.70 -6.87
CA TYR A 76 -1.15 -1.09 -7.87
C TYR A 76 -0.37 -0.86 -9.17
N GLN A 77 0.91 -0.49 -9.05
CA GLN A 77 1.80 -0.47 -10.20
C GLN A 77 1.92 -1.86 -10.78
N ARG A 78 2.00 -2.85 -9.89
CA ARG A 78 2.11 -4.25 -10.29
C ARG A 78 0.91 -4.67 -11.12
N GLU A 79 -0.28 -4.18 -10.77
CA GLU A 79 -1.47 -4.51 -11.52
C GLU A 79 -1.38 -3.93 -12.92
N SER A 80 -1.03 -2.66 -12.99
CA SER A 80 -0.96 -1.96 -14.24
C SER A 80 0.07 -2.61 -15.15
N GLN A 81 1.21 -3.00 -14.59
CA GLN A 81 2.23 -3.68 -15.37
C GLN A 81 1.76 -5.09 -15.72
N ALA A 82 0.98 -5.68 -14.82
CA ALA A 82 0.47 -7.03 -15.00
C ALA A 82 -0.29 -7.15 -16.33
N TYR A 83 -1.22 -6.25 -16.58
CA TYR A 83 -1.94 -6.30 -17.85
C TYR A 83 -1.22 -5.46 -18.90
N TYR A 84 -0.42 -4.52 -18.42
CA TYR A 84 0.15 -3.46 -19.25
C TYR A 84 -0.97 -2.54 -19.71
N GLN A 85 -1.82 -2.16 -18.75
CA GLN A 85 -2.92 -1.24 -19.02
C GLN A 85 -2.36 0.12 -19.40
N ARG A 86 -1.86 0.87 -18.43
CA ARG A 86 -0.94 1.97 -18.74
C ARG A 86 0.48 1.40 -18.72
N GLY A 87 0.66 0.38 -17.89
CA GLY A 87 1.93 -0.29 -17.78
C GLY A 87 2.61 0.14 -16.51
N ALA A 88 3.84 -0.29 -16.30
CA ALA A 88 4.57 0.09 -15.10
C ALA A 88 6.00 -0.43 -15.14
N SER A 89 6.94 0.49 -15.27
CA SER A 89 8.35 0.16 -15.32
C SER A 89 9.15 1.44 -15.11
N ARG A 22 -8.23 -8.10 -17.66
CA ARG A 22 -7.72 -8.17 -16.28
C ARG A 22 -8.35 -7.08 -15.41
N PRO A 23 -8.73 -7.42 -14.18
CA PRO A 23 -9.23 -6.44 -13.22
C PRO A 23 -8.08 -5.60 -12.63
N VAL A 24 -7.52 -4.73 -13.44
CA VAL A 24 -6.45 -3.85 -13.00
C VAL A 24 -7.02 -2.57 -12.41
N ASP A 25 -8.24 -2.65 -11.89
CA ASP A 25 -8.90 -1.50 -11.27
C ASP A 25 -8.08 -0.96 -10.10
N GLN A 26 -6.97 -1.62 -9.80
CA GLN A 26 -5.94 -1.08 -8.91
C GLN A 26 -5.45 0.27 -9.45
N TYR A 27 -5.58 0.45 -10.77
CA TYR A 27 -5.24 1.70 -11.45
C TYR A 27 -6.49 2.55 -11.67
N SER A 28 -7.54 1.92 -12.18
CA SER A 28 -8.78 2.61 -12.50
C SER A 28 -9.38 3.30 -11.27
N ASN A 29 -9.38 2.62 -10.14
CA ASN A 29 -9.97 3.14 -8.90
C ASN A 29 -8.97 3.97 -8.11
N GLN A 30 -7.99 4.54 -8.81
CA GLN A 30 -6.76 5.08 -8.20
C GLN A 30 -7.00 5.82 -6.87
N ASN A 31 -7.83 6.85 -6.86
CA ASN A 31 -8.00 7.65 -5.65
C ASN A 31 -8.69 6.86 -4.54
N ASN A 32 -9.74 6.12 -4.88
CA ASN A 32 -10.42 5.26 -3.91
C ASN A 32 -9.46 4.17 -3.44
N PHE A 33 -8.68 3.68 -4.38
CA PHE A 33 -7.66 2.68 -4.13
C PHE A 33 -6.69 3.17 -3.06
N VAL A 34 -6.25 4.42 -3.18
CA VAL A 34 -5.31 4.98 -2.21
C VAL A 34 -5.93 5.00 -0.83
N HIS A 35 -7.20 5.34 -0.75
CA HIS A 35 -7.89 5.34 0.54
C HIS A 35 -8.02 3.93 1.10
N ASP A 36 -8.70 3.06 0.36
CA ASP A 36 -9.01 1.72 0.86
C ASP A 36 -7.76 0.89 1.08
N CYS A 37 -6.92 0.82 0.05
CA CYS A 37 -5.77 -0.08 0.09
C CYS A 37 -4.72 0.43 1.08
N VAL A 38 -4.40 1.71 1.04
CA VAL A 38 -3.38 2.23 1.94
C VAL A 38 -3.86 2.12 3.38
N ASN A 39 -5.16 2.25 3.59
CA ASN A 39 -5.72 2.04 4.91
C ASN A 39 -5.45 0.61 5.40
N ILE A 40 -5.89 -0.38 4.63
CA ILE A 40 -5.72 -1.77 5.03
C ILE A 40 -4.25 -2.16 5.14
N THR A 41 -3.42 -1.63 4.27
CA THR A 41 -1.98 -1.85 4.40
C THR A 41 -1.39 -1.15 5.61
N VAL A 42 -1.93 0.00 6.01
CA VAL A 42 -1.51 0.61 7.26
C VAL A 42 -1.85 -0.32 8.41
N LYS A 43 -3.05 -0.88 8.36
CA LYS A 43 -3.45 -1.87 9.33
C LYS A 43 -2.45 -3.03 9.33
N GLN A 44 -2.12 -3.49 8.13
CA GLN A 44 -1.17 -4.59 7.93
C GLN A 44 0.17 -4.29 8.59
N HIS A 45 0.77 -3.16 8.24
CA HIS A 45 2.10 -2.83 8.69
C HIS A 45 2.13 -2.59 10.19
N THR A 46 1.16 -1.84 10.69
CA THR A 46 1.08 -1.55 12.12
C THR A 46 0.81 -2.83 12.93
N VAL A 47 0.04 -3.76 12.33
CA VAL A 47 -0.19 -5.07 12.95
C VAL A 47 1.09 -5.90 12.95
N THR A 48 1.81 -5.85 11.83
CA THR A 48 3.10 -6.52 11.72
C THR A 48 4.05 -5.97 12.79
N THR A 49 3.94 -4.68 13.04
CA THR A 49 4.70 -4.04 14.09
C THR A 49 4.18 -4.43 15.48
N THR A 50 2.88 -4.62 15.60
CA THR A 50 2.30 -5.12 16.83
C THR A 50 2.90 -6.48 17.16
N THR A 51 3.12 -7.28 16.11
CA THR A 51 3.68 -8.62 16.28
C THR A 51 5.22 -8.59 16.23
N LYS A 52 5.80 -7.45 15.83
CA LYS A 52 7.26 -7.28 15.89
C LYS A 52 7.72 -7.02 17.33
N GLY A 53 6.82 -7.29 18.27
CA GLY A 53 7.12 -7.14 19.68
C GLY A 53 6.40 -5.97 20.29
N GLU A 54 5.60 -5.28 19.48
CA GLU A 54 4.83 -4.13 19.92
C GLU A 54 5.75 -3.05 20.47
N ASN A 55 6.31 -2.31 19.55
CA ASN A 55 7.24 -1.23 19.86
C ASN A 55 7.16 -0.18 18.78
N PHE A 56 5.94 0.17 18.45
CA PHE A 56 5.65 1.23 17.51
C PHE A 56 5.65 2.55 18.21
N THR A 57 6.41 3.44 17.65
CA THR A 57 6.44 4.78 18.07
C THR A 57 5.90 5.59 16.91
N GLU A 58 5.38 6.79 17.12
CA GLU A 58 4.89 7.57 15.99
C GLU A 58 5.95 7.65 14.91
N THR A 59 7.21 7.61 15.34
CA THR A 59 8.34 7.58 14.44
C THR A 59 8.22 6.40 13.50
N ASP A 60 8.08 5.23 14.10
CA ASP A 60 8.00 4.00 13.35
C ASP A 60 6.71 3.92 12.57
N ILE A 61 5.61 4.37 13.18
CA ILE A 61 4.29 4.24 12.57
C ILE A 61 4.10 5.15 11.38
N LYS A 62 4.46 6.43 11.52
CA LYS A 62 4.40 7.33 10.40
C LYS A 62 5.31 6.81 9.32
N ALA A 63 6.51 6.37 9.71
CA ALA A 63 7.44 5.76 8.77
C ALA A 63 6.82 4.53 8.11
N MET A 64 6.06 3.76 8.90
CA MET A 64 5.33 2.61 8.37
C MET A 64 4.39 3.05 7.27
N GLU A 65 3.53 4.01 7.59
CA GLU A 65 2.54 4.54 6.65
C GLU A 65 3.18 5.03 5.36
N ARG A 66 4.38 5.60 5.43
CA ARG A 66 5.08 6.08 4.24
C ARG A 66 5.33 4.90 3.30
N VAL A 67 5.88 3.85 3.87
CA VAL A 67 6.15 2.63 3.13
C VAL A 67 4.86 1.96 2.71
N VAL A 68 3.83 2.14 3.53
CA VAL A 68 2.51 1.56 3.29
C VAL A 68 1.83 2.17 2.07
N GLU A 69 1.81 3.49 1.97
CA GLU A 69 1.18 4.12 0.81
C GLU A 69 1.90 3.70 -0.46
N GLN A 70 3.23 3.61 -0.39
CA GLN A 70 4.01 3.04 -1.47
C GLN A 70 3.78 1.54 -1.60
N MET A 71 3.40 0.89 -0.51
CA MET A 71 3.17 -0.55 -0.52
C MET A 71 1.99 -0.90 -1.42
N CYS A 72 0.88 -0.21 -1.21
CA CYS A 72 -0.30 -0.42 -2.03
C CYS A 72 -0.13 0.19 -3.40
N ILE A 73 0.44 1.38 -3.45
CA ILE A 73 0.64 2.06 -4.73
C ILE A 73 1.62 1.26 -5.60
N THR A 74 2.61 0.63 -4.99
CA THR A 74 3.47 -0.31 -5.69
C THR A 74 2.70 -1.56 -6.14
N GLN A 75 1.75 -2.02 -5.33
CA GLN A 75 0.87 -3.12 -5.73
C GLN A 75 0.05 -2.70 -6.94
N TYR A 76 -0.36 -1.44 -6.96
CA TYR A 76 -1.06 -0.89 -8.11
C TYR A 76 -0.13 -0.78 -9.32
N GLN A 77 1.13 -0.41 -9.07
CA GLN A 77 2.14 -0.39 -10.12
C GLN A 77 2.22 -1.76 -10.75
N ARG A 78 2.30 -2.78 -9.89
CA ARG A 78 2.26 -4.17 -10.32
C ARG A 78 1.07 -4.45 -11.23
N GLU A 79 -0.11 -4.04 -10.80
CA GLU A 79 -1.32 -4.29 -11.56
C GLU A 79 -1.32 -3.58 -12.90
N SER A 80 -1.08 -2.29 -12.87
CA SER A 80 -1.14 -1.49 -14.06
C SER A 80 -0.08 -1.92 -15.06
N GLN A 81 1.08 -2.34 -14.55
CA GLN A 81 2.12 -2.89 -15.40
C GLN A 81 1.72 -4.27 -15.89
N ALA A 82 0.98 -4.99 -15.05
CA ALA A 82 0.53 -6.35 -15.37
C ALA A 82 -0.26 -6.37 -16.67
N TYR A 83 -1.28 -5.53 -16.78
CA TYR A 83 -2.06 -5.47 -18.00
C TYR A 83 -1.48 -4.45 -18.97
N TYR A 84 -0.51 -3.66 -18.48
CA TYR A 84 0.14 -2.61 -19.26
C TYR A 84 -0.82 -1.47 -19.54
N GLN A 85 -1.64 -1.17 -18.54
CA GLN A 85 -2.49 0.02 -18.55
C GLN A 85 -1.60 1.25 -18.45
N ARG A 86 -1.01 1.45 -17.28
CA ARG A 86 0.07 2.39 -17.14
C ARG A 86 1.32 1.77 -17.75
N GLY A 87 1.47 0.48 -17.48
CA GLY A 87 2.50 -0.31 -18.11
C GLY A 87 3.81 -0.30 -17.34
N ALA A 88 4.27 0.92 -17.02
CA ALA A 88 5.42 1.13 -16.14
C ALA A 88 6.75 0.72 -16.79
N SER A 89 7.70 1.61 -16.75
CA SER A 89 9.04 1.33 -17.25
C SER A 89 10.06 2.15 -16.46
N ARG A 22 -8.57 -7.79 -18.34
CA ARG A 22 -7.93 -8.15 -17.06
C ARG A 22 -8.39 -7.20 -15.97
N PRO A 23 -8.59 -7.71 -14.75
CA PRO A 23 -9.01 -6.90 -13.61
C PRO A 23 -7.91 -6.00 -13.07
N VAL A 24 -7.55 -5.00 -13.87
CA VAL A 24 -6.60 -3.99 -13.43
C VAL A 24 -7.33 -2.68 -13.18
N ASP A 25 -8.60 -2.78 -12.84
CA ASP A 25 -9.41 -1.61 -12.55
C ASP A 25 -8.89 -0.89 -11.30
N GLN A 26 -7.82 -1.43 -10.71
CA GLN A 26 -7.13 -0.79 -9.62
C GLN A 26 -6.58 0.57 -10.09
N TYR A 27 -6.14 0.59 -11.34
CA TYR A 27 -5.68 1.82 -11.98
C TYR A 27 -6.86 2.76 -12.16
N SER A 28 -7.95 2.17 -12.65
CA SER A 28 -9.21 2.88 -12.86
C SER A 28 -9.69 3.61 -11.60
N ASN A 29 -9.59 2.96 -10.44
CA ASN A 29 -10.18 3.51 -9.20
C ASN A 29 -9.08 3.96 -8.23
N GLN A 30 -7.90 4.26 -8.77
CA GLN A 30 -6.71 4.51 -7.97
C GLN A 30 -6.94 5.47 -6.80
N ASN A 31 -7.72 6.52 -6.99
CA ASN A 31 -7.88 7.55 -5.96
C ASN A 31 -8.49 6.98 -4.68
N ASN A 32 -9.62 6.31 -4.80
CA ASN A 32 -10.27 5.73 -3.63
C ASN A 32 -9.54 4.46 -3.22
N PHE A 33 -8.87 3.84 -4.18
CA PHE A 33 -7.98 2.71 -3.91
C PHE A 33 -6.89 3.14 -2.94
N VAL A 34 -6.29 4.29 -3.20
CA VAL A 34 -5.26 4.84 -2.33
C VAL A 34 -5.81 5.06 -0.94
N HIS A 35 -7.05 5.54 -0.85
CA HIS A 35 -7.68 5.74 0.45
C HIS A 35 -7.84 4.42 1.19
N ASP A 36 -8.56 3.48 0.59
CA ASP A 36 -8.90 2.21 1.23
C ASP A 36 -7.68 1.33 1.44
N CYS A 37 -6.91 1.11 0.38
CA CYS A 37 -5.81 0.18 0.42
C CYS A 37 -4.72 0.66 1.36
N VAL A 38 -4.33 1.93 1.25
CA VAL A 38 -3.28 2.43 2.12
C VAL A 38 -3.70 2.34 3.57
N ASN A 39 -4.98 2.53 3.83
CA ASN A 39 -5.49 2.36 5.19
C ASN A 39 -5.27 0.93 5.68
N ILE A 40 -5.78 -0.05 4.95
CA ILE A 40 -5.65 -1.45 5.37
C ILE A 40 -4.18 -1.89 5.43
N THR A 41 -3.37 -1.39 4.51
CA THR A 41 -1.93 -1.66 4.59
C THR A 41 -1.31 -0.98 5.80
N VAL A 42 -1.84 0.16 6.22
CA VAL A 42 -1.39 0.77 7.46
C VAL A 42 -1.67 -0.19 8.61
N LYS A 43 -2.88 -0.76 8.62
CA LYS A 43 -3.23 -1.76 9.62
C LYS A 43 -2.23 -2.91 9.54
N GLN A 44 -1.97 -3.37 8.32
CA GLN A 44 -1.06 -4.48 8.06
C GLN A 44 0.35 -4.21 8.59
N HIS A 45 0.91 -3.07 8.23
CA HIS A 45 2.28 -2.74 8.60
C HIS A 45 2.38 -2.50 10.10
N THR A 46 1.39 -1.82 10.66
CA THR A 46 1.38 -1.56 12.09
C THR A 46 1.24 -2.87 12.87
N VAL A 47 0.48 -3.82 12.33
CA VAL A 47 0.37 -5.15 12.94
C VAL A 47 1.72 -5.87 12.91
N THR A 48 2.39 -5.82 11.78
CA THR A 48 3.71 -6.41 11.65
C THR A 48 4.64 -5.78 12.70
N THR A 49 4.58 -4.47 12.80
CA THR A 49 5.33 -3.74 13.79
C THR A 49 4.87 -4.07 15.21
N THR A 50 3.62 -4.48 15.34
CA THR A 50 3.14 -4.95 16.61
C THR A 50 3.78 -6.30 16.92
N THR A 51 4.10 -7.07 15.90
CA THR A 51 4.71 -8.34 16.15
C THR A 51 6.25 -8.24 16.19
N LYS A 52 6.80 -7.06 15.88
CA LYS A 52 8.23 -6.83 16.11
C LYS A 52 8.50 -6.42 17.57
N GLY A 53 7.70 -6.95 18.49
CA GLY A 53 7.88 -6.65 19.89
C GLY A 53 6.86 -5.68 20.42
N GLU A 54 5.85 -5.41 19.60
CA GLU A 54 4.78 -4.47 19.94
C GLU A 54 5.34 -3.12 20.34
N ASN A 55 6.44 -2.75 19.70
CA ASN A 55 7.17 -1.53 20.03
C ASN A 55 7.09 -0.54 18.89
N PHE A 56 5.90 -0.05 18.67
CA PHE A 56 5.63 0.97 17.68
C PHE A 56 5.45 2.31 18.33
N THR A 57 6.30 3.21 17.94
CA THR A 57 6.21 4.55 18.36
C THR A 57 5.59 5.33 17.22
N GLU A 58 5.04 6.50 17.44
CA GLU A 58 4.49 7.27 16.33
C GLU A 58 5.57 7.51 15.28
N THR A 59 6.83 7.51 15.73
CA THR A 59 7.96 7.51 14.82
C THR A 59 7.89 6.32 13.88
N ASP A 60 7.77 5.15 14.49
CA ASP A 60 7.66 3.90 13.74
C ASP A 60 6.43 3.95 12.85
N ILE A 61 5.32 4.37 13.41
CA ILE A 61 4.02 4.26 12.76
C ILE A 61 3.83 5.25 11.62
N LYS A 62 4.25 6.49 11.81
CA LYS A 62 4.22 7.46 10.72
C LYS A 62 5.12 6.96 9.60
N ALA A 63 6.28 6.46 9.97
CA ALA A 63 7.21 5.92 8.99
C ALA A 63 6.61 4.71 8.30
N MET A 64 5.87 3.90 9.06
CA MET A 64 5.13 2.77 8.50
C MET A 64 4.22 3.26 7.39
N GLU A 65 3.39 4.22 7.73
CA GLU A 65 2.38 4.76 6.80
C GLU A 65 3.02 5.26 5.51
N ARG A 66 4.25 5.74 5.58
CA ARG A 66 4.92 6.22 4.38
C ARG A 66 5.23 5.05 3.47
N VAL A 67 5.83 4.04 4.06
CA VAL A 67 6.15 2.81 3.37
C VAL A 67 4.87 2.14 2.89
N VAL A 68 3.82 2.32 3.68
CA VAL A 68 2.49 1.77 3.40
C VAL A 68 1.83 2.43 2.19
N GLU A 69 1.90 3.76 2.10
CA GLU A 69 1.30 4.43 0.95
C GLU A 69 1.93 3.91 -0.32
N GLN A 70 3.24 3.72 -0.27
CA GLN A 70 3.97 3.11 -1.38
C GLN A 70 3.69 1.61 -1.45
N MET A 71 3.35 1.00 -0.33
CA MET A 71 3.07 -0.44 -0.31
C MET A 71 1.87 -0.76 -1.19
N CYS A 72 0.80 -0.01 -1.02
CA CYS A 72 -0.39 -0.19 -1.84
C CYS A 72 -0.23 0.43 -3.22
N ILE A 73 0.41 1.58 -3.30
CA ILE A 73 0.63 2.23 -4.58
C ILE A 73 1.59 1.39 -5.44
N THR A 74 2.47 0.66 -4.78
CA THR A 74 3.28 -0.36 -5.44
C THR A 74 2.41 -1.52 -5.94
N GLN A 75 1.42 -1.91 -5.14
CA GLN A 75 0.46 -2.95 -5.55
C GLN A 75 -0.39 -2.45 -6.71
N TYR A 76 -0.59 -1.14 -6.75
CA TYR A 76 -1.23 -0.48 -7.87
C TYR A 76 -0.36 -0.57 -9.11
N GLN A 77 0.94 -0.32 -8.93
CA GLN A 77 1.90 -0.47 -10.03
C GLN A 77 1.95 -1.93 -10.47
N ARG A 78 1.70 -2.83 -9.52
CA ARG A 78 1.55 -4.24 -9.84
C ARG A 78 0.41 -4.45 -10.83
N GLU A 79 -0.78 -4.04 -10.42
CA GLU A 79 -1.97 -4.09 -11.27
C GLU A 79 -1.69 -3.50 -12.65
N SER A 80 -1.22 -2.28 -12.69
CA SER A 80 -1.04 -1.59 -13.94
C SER A 80 0.08 -2.23 -14.74
N GLN A 81 0.95 -2.97 -14.07
CA GLN A 81 1.91 -3.82 -14.75
C GLN A 81 1.16 -4.99 -15.34
N ALA A 82 0.32 -5.60 -14.51
CA ALA A 82 -0.33 -6.84 -14.82
C ALA A 82 -0.95 -6.79 -16.21
N TYR A 83 -1.71 -5.75 -16.50
CA TYR A 83 -2.19 -5.60 -17.87
C TYR A 83 -1.29 -4.69 -18.71
N TYR A 84 -0.46 -3.88 -18.05
CA TYR A 84 0.29 -2.80 -18.70
C TYR A 84 -0.63 -1.63 -19.03
N GLN A 85 -1.21 -1.07 -17.97
CA GLN A 85 -1.99 0.15 -18.06
C GLN A 85 -1.03 1.33 -18.15
N ARG A 86 -0.48 1.73 -17.01
CA ARG A 86 0.68 2.60 -17.01
C ARG A 86 1.92 1.73 -17.09
N GLY A 87 1.89 0.64 -16.35
CA GLY A 87 2.91 -0.37 -16.46
C GLY A 87 3.92 -0.21 -15.36
N ALA A 88 4.94 -1.04 -15.36
CA ALA A 88 5.92 -1.01 -14.30
C ALA A 88 7.14 -1.84 -14.67
N SER A 89 7.85 -1.37 -15.69
CA SER A 89 9.04 -2.04 -16.17
C SER A 89 10.14 -1.00 -16.46
N ARG A 22 -7.18 -7.88 -19.41
CA ARG A 22 -7.07 -7.96 -17.93
C ARG A 22 -7.85 -6.83 -17.27
N PRO A 23 -8.72 -7.16 -16.32
CA PRO A 23 -9.43 -6.16 -15.51
C PRO A 23 -8.48 -5.47 -14.54
N VAL A 24 -7.63 -4.61 -15.08
CA VAL A 24 -6.65 -3.87 -14.28
C VAL A 24 -7.27 -2.65 -13.62
N ASP A 25 -8.58 -2.72 -13.36
CA ASP A 25 -9.31 -1.63 -12.73
C ASP A 25 -8.73 -1.29 -11.37
N GLN A 26 -7.78 -2.10 -10.93
CA GLN A 26 -7.02 -1.83 -9.72
C GLN A 26 -6.40 -0.44 -9.77
N TYR A 27 -5.75 -0.08 -10.88
CA TYR A 27 -5.13 1.23 -10.97
C TYR A 27 -6.14 2.28 -11.45
N SER A 28 -7.17 1.83 -12.16
CA SER A 28 -8.28 2.72 -12.51
C SER A 28 -8.96 3.24 -11.23
N ASN A 29 -8.89 2.44 -10.17
CA ASN A 29 -9.39 2.81 -8.84
C ASN A 29 -8.31 3.50 -8.03
N GLN A 30 -7.39 4.16 -8.74
CA GLN A 30 -6.19 4.78 -8.16
C GLN A 30 -6.50 5.52 -6.85
N ASN A 31 -7.26 6.60 -6.94
CA ASN A 31 -7.53 7.45 -5.78
C ASN A 31 -8.23 6.67 -4.67
N ASN A 32 -9.11 5.75 -5.05
CA ASN A 32 -9.90 4.99 -4.09
C ASN A 32 -9.02 4.07 -3.28
N PHE A 33 -8.05 3.42 -3.92
CA PHE A 33 -7.21 2.50 -3.21
C PHE A 33 -6.15 3.23 -2.41
N VAL A 34 -5.84 4.48 -2.77
CA VAL A 34 -4.94 5.26 -1.95
C VAL A 34 -5.56 5.44 -0.58
N HIS A 35 -6.81 5.87 -0.57
CA HIS A 35 -7.51 6.06 0.69
C HIS A 35 -7.73 4.71 1.39
N ASP A 36 -8.45 3.83 0.72
CA ASP A 36 -8.89 2.59 1.36
C ASP A 36 -7.77 1.58 1.53
N CYS A 37 -7.08 1.26 0.43
CA CYS A 37 -6.03 0.24 0.46
C CYS A 37 -4.88 0.68 1.34
N VAL A 38 -4.43 1.93 1.19
CA VAL A 38 -3.28 2.36 1.97
C VAL A 38 -3.64 2.37 3.46
N ASN A 39 -4.88 2.68 3.77
CA ASN A 39 -5.34 2.59 5.15
C ASN A 39 -5.21 1.16 5.68
N ILE A 40 -5.81 0.20 4.99
CA ILE A 40 -5.76 -1.20 5.45
C ILE A 40 -4.33 -1.74 5.47
N THR A 41 -3.52 -1.36 4.50
CA THR A 41 -2.12 -1.72 4.54
C THR A 41 -1.40 -1.06 5.72
N VAL A 42 -1.85 0.12 6.12
CA VAL A 42 -1.35 0.73 7.34
C VAL A 42 -1.66 -0.19 8.52
N LYS A 43 -2.88 -0.71 8.54
CA LYS A 43 -3.27 -1.67 9.56
C LYS A 43 -2.33 -2.87 9.53
N GLN A 44 -2.09 -3.38 8.32
CA GLN A 44 -1.19 -4.51 8.11
C GLN A 44 0.20 -4.25 8.66
N HIS A 45 0.75 -3.11 8.29
CA HIS A 45 2.11 -2.75 8.67
C HIS A 45 2.20 -2.51 10.17
N THR A 46 1.24 -1.76 10.70
CA THR A 46 1.21 -1.47 12.12
C THR A 46 1.06 -2.76 12.93
N VAL A 47 0.21 -3.67 12.46
CA VAL A 47 0.04 -4.97 13.11
C VAL A 47 1.35 -5.74 13.15
N THR A 48 2.02 -5.79 12.00
CA THR A 48 3.30 -6.47 11.90
C THR A 48 4.33 -5.83 12.85
N THR A 49 4.41 -4.52 12.81
CA THR A 49 5.36 -3.78 13.63
C THR A 49 4.98 -3.81 15.12
N THR A 50 3.73 -4.10 15.42
CA THR A 50 3.32 -4.27 16.80
C THR A 50 3.75 -5.63 17.30
N THR A 51 3.53 -6.64 16.50
CA THR A 51 3.76 -8.01 16.94
C THR A 51 5.23 -8.42 16.74
N LYS A 52 5.99 -7.58 16.03
CA LYS A 52 7.45 -7.75 15.93
C LYS A 52 8.07 -7.53 17.31
N GLY A 53 7.26 -6.96 18.19
CA GLY A 53 7.72 -6.45 19.44
C GLY A 53 7.17 -5.06 19.61
N GLU A 54 6.11 -4.96 20.40
CA GLU A 54 5.32 -3.75 20.53
C GLU A 54 6.18 -2.57 20.98
N ASN A 55 6.77 -1.89 20.01
CA ASN A 55 7.58 -0.70 20.26
C ASN A 55 7.18 0.41 19.30
N PHE A 56 7.42 0.19 18.00
CA PHE A 56 7.01 1.12 16.93
C PHE A 56 7.19 2.60 17.32
N THR A 57 6.10 3.24 17.72
CA THR A 57 6.09 4.65 18.16
C THR A 57 5.75 5.50 16.96
N GLU A 58 5.08 6.65 17.12
CA GLU A 58 4.59 7.41 15.97
C GLU A 58 5.68 7.60 14.91
N THR A 59 6.92 7.65 15.35
CA THR A 59 8.06 7.72 14.45
C THR A 59 8.04 6.55 13.48
N ASP A 60 7.83 5.37 14.04
CA ASP A 60 7.78 4.16 13.26
C ASP A 60 6.48 4.10 12.48
N ILE A 61 5.31 4.27 13.13
CA ILE A 61 4.03 4.14 12.43
C ILE A 61 3.93 5.09 11.23
N LYS A 62 4.33 6.34 11.39
CA LYS A 62 4.30 7.29 10.28
C LYS A 62 5.24 6.82 9.19
N ALA A 63 6.43 6.38 9.58
CA ALA A 63 7.37 5.81 8.63
C ALA A 63 6.77 4.58 7.95
N MET A 64 6.01 3.80 8.72
CA MET A 64 5.28 2.64 8.18
C MET A 64 4.37 3.09 7.07
N GLU A 65 3.52 4.07 7.38
CA GLU A 65 2.54 4.60 6.44
C GLU A 65 3.17 5.05 5.14
N ARG A 66 4.41 5.51 5.19
CA ARG A 66 5.08 5.96 3.98
C ARG A 66 5.35 4.76 3.08
N VAL A 67 5.91 3.73 3.69
CA VAL A 67 6.16 2.48 3.00
C VAL A 67 4.84 1.85 2.56
N VAL A 68 3.82 2.07 3.36
CA VAL A 68 2.49 1.54 3.12
C VAL A 68 1.79 2.22 1.93
N GLU A 69 1.88 3.54 1.84
CA GLU A 69 1.27 4.25 0.71
C GLU A 69 1.89 3.74 -0.58
N GLN A 70 3.18 3.48 -0.53
CA GLN A 70 3.88 2.86 -1.64
C GLN A 70 3.55 1.38 -1.74
N MET A 71 3.19 0.77 -0.62
CA MET A 71 2.90 -0.67 -0.59
C MET A 71 1.68 -1.00 -1.45
N CYS A 72 0.59 -0.29 -1.23
CA CYS A 72 -0.62 -0.49 -2.03
C CYS A 72 -0.45 0.07 -3.43
N ILE A 73 0.08 1.28 -3.53
CA ILE A 73 0.29 1.92 -4.81
C ILE A 73 1.19 1.06 -5.68
N THR A 74 2.23 0.51 -5.09
CA THR A 74 3.09 -0.43 -5.80
C THR A 74 2.31 -1.66 -6.30
N GLN A 75 1.46 -2.21 -5.43
CA GLN A 75 0.66 -3.36 -5.80
C GLN A 75 -0.27 -3.03 -6.97
N TYR A 76 -0.89 -1.87 -6.90
CA TYR A 76 -1.83 -1.49 -7.96
C TYR A 76 -1.08 -1.00 -9.21
N GLN A 77 0.13 -0.49 -9.03
CA GLN A 77 1.02 -0.22 -10.15
C GLN A 77 1.46 -1.52 -10.81
N ARG A 78 1.51 -2.60 -10.03
CA ARG A 78 1.80 -3.91 -10.60
C ARG A 78 0.66 -4.33 -11.49
N GLU A 79 -0.57 -3.96 -11.14
CA GLU A 79 -1.69 -4.25 -12.02
C GLU A 79 -1.57 -3.47 -13.30
N SER A 80 -1.30 -2.18 -13.18
CA SER A 80 -1.19 -1.33 -14.35
C SER A 80 0.01 -1.76 -15.19
N GLN A 81 1.00 -2.35 -14.55
CA GLN A 81 2.11 -2.97 -15.25
C GLN A 81 1.63 -4.20 -15.97
N ALA A 82 0.86 -4.98 -15.25
CA ALA A 82 0.42 -6.27 -15.71
C ALA A 82 -0.22 -6.17 -17.09
N TYR A 83 -1.15 -5.24 -17.28
CA TYR A 83 -1.72 -5.01 -18.59
C TYR A 83 -0.97 -3.94 -19.38
N TYR A 84 -0.03 -3.24 -18.71
CA TYR A 84 0.71 -2.13 -19.31
C TYR A 84 -0.22 -0.94 -19.56
N GLN A 85 -1.07 -0.68 -18.59
CA GLN A 85 -1.96 0.47 -18.60
C GLN A 85 -1.17 1.72 -18.23
N ARG A 86 -0.79 1.83 -16.97
CA ARG A 86 0.15 2.86 -16.56
C ARG A 86 1.56 2.32 -16.77
N GLY A 87 1.75 1.06 -16.39
CA GLY A 87 2.96 0.36 -16.72
C GLY A 87 3.99 0.55 -15.63
N ALA A 88 4.90 -0.41 -15.51
CA ALA A 88 5.87 -0.38 -14.44
C ALA A 88 7.08 -1.25 -14.75
N SER A 89 8.21 -0.61 -14.97
CA SER A 89 9.47 -1.30 -15.18
C SER A 89 10.62 -0.42 -14.73
N ARG A 22 -10.56 -4.58 -17.30
CA ARG A 22 -9.18 -4.81 -16.81
C ARG A 22 -9.19 -5.28 -15.36
N PRO A 23 -8.31 -6.22 -15.01
CA PRO A 23 -8.14 -6.67 -13.63
C PRO A 23 -7.08 -5.87 -12.89
N VAL A 24 -6.90 -4.64 -13.33
CA VAL A 24 -5.88 -3.76 -12.77
C VAL A 24 -6.49 -2.51 -12.16
N ASP A 25 -7.72 -2.62 -11.66
CA ASP A 25 -8.42 -1.44 -11.12
C ASP A 25 -7.61 -0.74 -10.03
N GLN A 26 -6.52 -1.39 -9.60
CA GLN A 26 -5.51 -0.76 -8.75
C GLN A 26 -5.01 0.53 -9.42
N TYR A 27 -4.93 0.49 -10.74
CA TYR A 27 -4.52 1.63 -11.55
C TYR A 27 -5.74 2.47 -11.93
N SER A 28 -6.71 1.82 -12.54
CA SER A 28 -7.93 2.48 -13.00
C SER A 28 -8.63 3.27 -11.88
N ASN A 29 -8.92 2.59 -10.78
CA ASN A 29 -9.67 3.19 -9.68
C ASN A 29 -8.73 3.66 -8.58
N GLN A 30 -7.51 4.00 -8.97
CA GLN A 30 -6.42 4.28 -8.05
C GLN A 30 -6.80 5.20 -6.88
N ASN A 31 -7.73 6.14 -7.09
CA ASN A 31 -8.00 7.13 -6.04
C ASN A 31 -8.63 6.51 -4.80
N ASN A 32 -9.73 5.77 -4.96
CA ASN A 32 -10.35 5.12 -3.81
C ASN A 32 -9.54 3.89 -3.41
N PHE A 33 -8.80 3.36 -4.38
CA PHE A 33 -7.86 2.29 -4.12
C PHE A 33 -6.78 2.74 -3.14
N VAL A 34 -6.23 3.91 -3.36
CA VAL A 34 -5.20 4.46 -2.49
C VAL A 34 -5.76 4.65 -1.09
N HIS A 35 -6.98 5.12 -0.99
CA HIS A 35 -7.63 5.27 0.30
C HIS A 35 -7.80 3.91 0.98
N ASP A 36 -8.51 3.01 0.31
CA ASP A 36 -8.85 1.70 0.87
C ASP A 36 -7.60 0.84 1.13
N CYS A 37 -6.77 0.67 0.10
CA CYS A 37 -5.62 -0.23 0.19
C CYS A 37 -4.60 0.28 1.18
N VAL A 38 -4.24 1.56 1.11
CA VAL A 38 -3.25 2.10 2.02
C VAL A 38 -3.74 2.01 3.46
N ASN A 39 -5.05 2.13 3.64
CA ASN A 39 -5.62 1.94 4.97
C ASN A 39 -5.36 0.53 5.47
N ILE A 40 -5.80 -0.48 4.72
CA ILE A 40 -5.64 -1.86 5.14
C ILE A 40 -4.17 -2.24 5.30
N THR A 41 -3.32 -1.74 4.42
CA THR A 41 -1.89 -1.96 4.55
C THR A 41 -1.30 -1.25 5.75
N VAL A 42 -1.85 -0.11 6.14
CA VAL A 42 -1.44 0.53 7.39
C VAL A 42 -1.77 -0.39 8.55
N LYS A 43 -2.96 -0.98 8.51
CA LYS A 43 -3.34 -1.97 9.50
C LYS A 43 -2.32 -3.10 9.51
N GLN A 44 -1.98 -3.59 8.32
CA GLN A 44 -0.99 -4.65 8.14
C GLN A 44 0.34 -4.29 8.80
N HIS A 45 0.86 -3.12 8.42
CA HIS A 45 2.19 -2.71 8.87
C HIS A 45 2.21 -2.48 10.37
N THR A 46 1.17 -1.85 10.90
CA THR A 46 1.10 -1.62 12.33
C THR A 46 1.02 -2.94 13.09
N VAL A 47 0.33 -3.93 12.51
CA VAL A 47 0.27 -5.26 13.09
C VAL A 47 1.66 -5.87 13.19
N THR A 48 2.39 -5.88 12.07
CA THR A 48 3.76 -6.39 12.06
C THR A 48 4.63 -5.63 13.05
N THR A 49 4.46 -4.32 13.08
CA THR A 49 5.25 -3.48 13.96
C THR A 49 4.77 -3.60 15.41
N THR A 50 3.62 -4.23 15.60
CA THR A 50 3.18 -4.59 16.93
C THR A 50 3.80 -5.92 17.34
N THR A 51 3.93 -6.83 16.40
CA THR A 51 4.47 -8.14 16.72
C THR A 51 5.99 -8.10 16.87
N LYS A 52 6.62 -7.02 16.37
CA LYS A 52 8.06 -6.84 16.54
C LYS A 52 8.44 -6.42 17.97
N GLY A 53 7.57 -6.74 18.93
CA GLY A 53 7.86 -6.44 20.32
C GLY A 53 6.90 -5.45 20.92
N GLU A 54 5.84 -5.16 20.17
CA GLU A 54 4.80 -4.21 20.57
C GLU A 54 5.41 -2.89 21.05
N ASN A 55 6.12 -2.24 20.14
CA ASN A 55 6.75 -0.96 20.44
C ASN A 55 5.97 0.14 19.74
N PHE A 56 6.11 0.18 18.42
CA PHE A 56 5.46 1.15 17.55
C PHE A 56 5.30 2.51 18.17
N THR A 57 6.27 3.34 17.88
CA THR A 57 6.27 4.67 18.32
C THR A 57 5.63 5.50 17.22
N GLU A 58 5.25 6.74 17.45
CA GLU A 58 4.73 7.54 16.34
C GLU A 58 5.75 7.58 15.22
N THR A 59 7.03 7.50 15.59
CA THR A 59 8.11 7.40 14.62
C THR A 59 7.90 6.18 13.74
N ASP A 60 7.73 5.03 14.40
CA ASP A 60 7.47 3.78 13.71
C ASP A 60 6.24 3.90 12.84
N ILE A 61 5.14 4.35 13.44
CA ILE A 61 3.82 4.28 12.81
C ILE A 61 3.65 5.28 11.67
N LYS A 62 4.15 6.49 11.81
CA LYS A 62 4.13 7.44 10.71
C LYS A 62 5.00 6.91 9.59
N ALA A 63 6.16 6.37 9.95
CA ALA A 63 7.02 5.72 8.97
C ALA A 63 6.29 4.57 8.30
N MET A 64 5.50 3.83 9.08
CA MET A 64 4.68 2.74 8.54
C MET A 64 3.81 3.26 7.42
N GLU A 65 3.03 4.30 7.72
CA GLU A 65 2.11 4.89 6.75
C GLU A 65 2.83 5.31 5.47
N ARG A 66 4.11 5.68 5.59
CA ARG A 66 4.88 6.09 4.42
C ARG A 66 5.21 4.89 3.57
N VAL A 67 5.75 3.87 4.22
CA VAL A 67 6.10 2.63 3.54
C VAL A 67 4.85 1.95 3.02
N VAL A 68 3.76 2.13 3.73
CA VAL A 68 2.48 1.54 3.39
C VAL A 68 1.85 2.20 2.17
N GLU A 69 1.85 3.53 2.11
CA GLU A 69 1.29 4.22 0.96
C GLU A 69 2.01 3.75 -0.29
N GLN A 70 3.33 3.60 -0.18
CA GLN A 70 4.13 3.03 -1.25
C GLN A 70 3.93 1.53 -1.37
N MET A 71 3.53 0.87 -0.30
CA MET A 71 3.30 -0.56 -0.34
C MET A 71 2.13 -0.89 -1.27
N CYS A 72 1.03 -0.18 -1.08
CA CYS A 72 -0.13 -0.36 -1.95
C CYS A 72 0.06 0.32 -3.29
N ILE A 73 0.72 1.45 -3.32
CA ILE A 73 1.00 2.12 -4.58
C ILE A 73 2.01 1.32 -5.39
N THR A 74 2.88 0.58 -4.71
CA THR A 74 3.72 -0.42 -5.35
C THR A 74 2.86 -1.56 -5.90
N GLN A 75 1.87 -1.99 -5.12
CA GLN A 75 0.90 -2.98 -5.59
C GLN A 75 0.18 -2.48 -6.84
N TYR A 76 -0.13 -1.19 -6.83
CA TYR A 76 -0.77 -0.52 -7.95
C TYR A 76 0.14 -0.53 -9.18
N GLN A 77 1.42 -0.23 -8.98
CA GLN A 77 2.41 -0.30 -10.05
C GLN A 77 2.53 -1.74 -10.56
N ARG A 78 2.59 -2.66 -9.61
CA ARG A 78 2.67 -4.09 -9.91
C ARG A 78 1.47 -4.53 -10.73
N GLU A 79 0.29 -4.02 -10.41
CA GLU A 79 -0.90 -4.37 -11.15
C GLU A 79 -0.79 -3.86 -12.57
N SER A 80 -0.36 -2.61 -12.67
CA SER A 80 -0.21 -1.96 -13.96
C SER A 80 0.79 -2.71 -14.83
N GLN A 81 1.90 -3.14 -14.25
CA GLN A 81 2.87 -3.92 -14.98
C GLN A 81 2.36 -5.32 -15.23
N ALA A 82 1.55 -5.82 -14.29
CA ALA A 82 0.96 -7.15 -14.41
C ALA A 82 0.23 -7.31 -15.72
N TYR A 83 -0.70 -6.41 -15.99
CA TYR A 83 -1.47 -6.50 -17.21
C TYR A 83 -0.85 -5.68 -18.33
N TYR A 84 -0.04 -4.68 -17.95
CA TYR A 84 0.43 -3.67 -18.90
C TYR A 84 -0.76 -3.05 -19.61
N GLN A 85 -1.71 -2.57 -18.79
CA GLN A 85 -2.92 -1.86 -19.27
C GLN A 85 -2.60 -0.96 -20.47
N ARG A 86 -2.22 0.28 -20.19
CA ARG A 86 -1.48 1.07 -21.15
C ARG A 86 0.01 0.79 -20.93
N GLY A 87 0.35 0.69 -19.66
CA GLY A 87 1.69 0.33 -19.25
C GLY A 87 2.29 1.41 -18.37
N ALA A 88 2.86 1.02 -17.24
CA ALA A 88 3.41 1.98 -16.29
C ALA A 88 4.69 1.46 -15.65
N SER A 89 5.36 0.56 -16.36
CA SER A 89 6.57 -0.07 -15.86
C SER A 89 7.44 -0.48 -17.04
N ARG A 22 -7.90 -9.34 -17.19
CA ARG A 22 -7.22 -9.06 -15.92
C ARG A 22 -7.87 -7.87 -15.22
N PRO A 23 -8.33 -8.09 -13.98
CA PRO A 23 -8.99 -7.07 -13.18
C PRO A 23 -7.99 -6.09 -12.59
N VAL A 24 -7.37 -5.29 -13.43
CA VAL A 24 -6.37 -4.33 -13.00
C VAL A 24 -7.00 -3.00 -12.64
N ASP A 25 -8.27 -3.04 -12.24
CA ASP A 25 -9.00 -1.83 -11.88
C ASP A 25 -8.36 -1.15 -10.66
N GLN A 26 -7.29 -1.76 -10.14
CA GLN A 26 -6.43 -1.12 -9.15
C GLN A 26 -5.86 0.19 -9.71
N TYR A 27 -5.74 0.26 -11.04
CA TYR A 27 -5.30 1.47 -11.71
C TYR A 27 -6.49 2.29 -12.17
N SER A 28 -7.49 1.62 -12.73
CA SER A 28 -8.70 2.26 -13.22
C SER A 28 -9.44 3.02 -12.09
N ASN A 29 -9.35 2.49 -10.87
CA ASN A 29 -10.01 3.08 -9.71
C ASN A 29 -8.98 3.76 -8.80
N GLN A 30 -7.89 4.20 -9.44
CA GLN A 30 -6.63 4.59 -8.78
C GLN A 30 -6.83 5.37 -7.49
N ASN A 31 -7.47 6.53 -7.56
CA ASN A 31 -7.53 7.42 -6.39
C ASN A 31 -8.30 6.81 -5.23
N ASN A 32 -9.51 6.31 -5.51
CA ASN A 32 -10.37 5.75 -4.46
C ASN A 32 -9.73 4.50 -3.88
N PHE A 33 -9.23 3.64 -4.77
CA PHE A 33 -8.54 2.43 -4.35
C PHE A 33 -7.32 2.77 -3.49
N VAL A 34 -6.52 3.72 -3.94
CA VAL A 34 -5.29 4.07 -3.24
C VAL A 34 -5.60 4.62 -1.86
N HIS A 35 -6.55 5.54 -1.76
CA HIS A 35 -6.88 6.12 -0.46
C HIS A 35 -7.29 5.04 0.53
N ASP A 36 -8.26 4.21 0.13
CA ASP A 36 -8.74 3.12 0.99
C ASP A 36 -7.63 2.09 1.27
N CYS A 37 -6.89 1.75 0.24
CA CYS A 37 -5.87 0.71 0.33
C CYS A 37 -4.67 1.16 1.17
N VAL A 38 -4.22 2.40 1.01
CA VAL A 38 -3.11 2.89 1.82
C VAL A 38 -3.52 2.89 3.28
N ASN A 39 -4.79 3.14 3.53
CA ASN A 39 -5.31 3.02 4.89
C ASN A 39 -5.14 1.59 5.42
N ILE A 40 -5.67 0.61 4.71
CA ILE A 40 -5.61 -0.79 5.17
C ILE A 40 -4.18 -1.32 5.21
N THR A 41 -3.34 -0.86 4.29
CA THR A 41 -1.92 -1.21 4.34
C THR A 41 -1.27 -0.62 5.58
N VAL A 42 -1.74 0.53 6.04
CA VAL A 42 -1.27 1.06 7.30
C VAL A 42 -1.62 0.10 8.43
N LYS A 43 -2.87 -0.37 8.43
CA LYS A 43 -3.30 -1.37 9.40
C LYS A 43 -2.39 -2.59 9.33
N GLN A 44 -2.17 -3.05 8.11
CA GLN A 44 -1.34 -4.22 7.86
C GLN A 44 0.07 -4.05 8.40
N HIS A 45 0.71 -2.96 8.02
CA HIS A 45 2.10 -2.73 8.36
C HIS A 45 2.27 -2.53 9.86
N THR A 46 1.33 -1.80 10.46
CA THR A 46 1.38 -1.56 11.90
C THR A 46 1.13 -2.84 12.68
N VAL A 47 0.26 -3.71 12.16
CA VAL A 47 0.04 -5.03 12.74
C VAL A 47 1.32 -5.85 12.71
N THR A 48 2.01 -5.85 11.57
CA THR A 48 3.26 -6.56 11.43
C THR A 48 4.31 -5.98 12.38
N THR A 49 4.29 -4.68 12.57
CA THR A 49 5.18 -4.03 13.51
C THR A 49 4.74 -4.32 14.96
N THR A 50 3.49 -4.68 15.13
CA THR A 50 3.02 -5.12 16.43
C THR A 50 3.44 -6.56 16.68
N THR A 51 3.47 -7.37 15.64
CA THR A 51 3.81 -8.76 15.81
C THR A 51 5.32 -8.97 15.76
N LYS A 52 6.06 -7.96 15.33
CA LYS A 52 7.52 -8.01 15.37
C LYS A 52 8.01 -8.05 16.82
N GLY A 53 7.19 -7.50 17.71
CA GLY A 53 7.52 -7.52 19.13
C GLY A 53 6.74 -6.48 19.93
N GLU A 54 5.54 -6.19 19.45
CA GLU A 54 4.62 -5.21 20.05
C GLU A 54 5.34 -3.98 20.60
N ASN A 55 6.06 -3.31 19.72
CA ASN A 55 6.78 -2.09 20.08
C ASN A 55 6.24 -0.93 19.31
N PHE A 56 6.78 -0.70 18.10
CA PHE A 56 6.48 0.51 17.33
C PHE A 56 6.57 1.74 18.23
N THR A 57 6.41 2.86 17.63
CA THR A 57 6.25 4.08 18.31
C THR A 57 5.62 4.99 17.28
N GLU A 58 5.01 6.10 17.61
CA GLU A 58 4.46 6.94 16.56
C GLU A 58 5.54 7.29 15.53
N THR A 59 6.79 7.32 15.99
CA THR A 59 7.92 7.49 15.10
C THR A 59 7.93 6.40 14.05
N ASP A 60 7.89 5.17 14.52
CA ASP A 60 7.91 4.01 13.65
C ASP A 60 6.68 4.03 12.75
N ILE A 61 5.54 4.28 13.38
CA ILE A 61 4.23 4.16 12.72
C ILE A 61 4.00 5.22 11.65
N LYS A 62 4.35 6.47 11.94
CA LYS A 62 4.25 7.51 10.94
C LYS A 62 5.19 7.21 9.81
N ALA A 63 6.40 6.78 10.13
CA ALA A 63 7.35 6.35 9.12
C ALA A 63 6.81 5.14 8.36
N MET A 64 6.04 4.30 9.06
CA MET A 64 5.37 3.17 8.43
C MET A 64 4.41 3.67 7.39
N GLU A 65 3.51 4.56 7.80
CA GLU A 65 2.49 5.12 6.91
C GLU A 65 3.09 5.63 5.60
N ARG A 66 4.30 6.18 5.68
CA ARG A 66 4.94 6.70 4.47
C ARG A 66 5.29 5.55 3.53
N VAL A 67 5.95 4.54 4.08
CA VAL A 67 6.33 3.35 3.35
C VAL A 67 5.09 2.62 2.87
N VAL A 68 4.05 2.67 3.68
CA VAL A 68 2.77 2.06 3.38
C VAL A 68 2.14 2.67 2.12
N GLU A 69 2.23 3.98 1.97
CA GLU A 69 1.73 4.63 0.77
C GLU A 69 2.37 3.98 -0.44
N GLN A 70 3.69 3.85 -0.39
CA GLN A 70 4.43 3.19 -1.46
C GLN A 70 4.18 1.68 -1.47
N MET A 71 3.85 1.10 -0.34
CA MET A 71 3.53 -0.33 -0.27
C MET A 71 2.28 -0.63 -1.07
N CYS A 72 1.24 0.13 -0.81
CA CYS A 72 -0.03 0.00 -1.51
C CYS A 72 0.12 0.41 -2.98
N ILE A 73 0.72 1.57 -3.19
CA ILE A 73 0.91 2.11 -4.52
C ILE A 73 1.79 1.19 -5.36
N THR A 74 2.79 0.59 -4.74
CA THR A 74 3.59 -0.44 -5.41
C THR A 74 2.70 -1.61 -5.87
N GLN A 75 1.77 -2.01 -5.01
CA GLN A 75 0.83 -3.06 -5.37
C GLN A 75 -0.04 -2.64 -6.54
N TYR A 76 -0.42 -1.36 -6.56
CA TYR A 76 -1.22 -0.83 -7.67
C TYR A 76 -0.38 -0.72 -8.94
N GLN A 77 0.91 -0.41 -8.77
CA GLN A 77 1.83 -0.35 -9.90
C GLN A 77 1.99 -1.74 -10.50
N ARG A 78 1.96 -2.76 -9.64
CA ARG A 78 2.05 -4.15 -10.09
C ARG A 78 0.83 -4.52 -10.92
N GLU A 79 -0.33 -4.01 -10.54
CA GLU A 79 -1.54 -4.28 -11.29
C GLU A 79 -1.49 -3.58 -12.63
N SER A 80 -1.21 -2.30 -12.59
CA SER A 80 -1.18 -1.50 -13.79
C SER A 80 -0.09 -2.00 -14.74
N GLN A 81 1.02 -2.50 -14.19
CA GLN A 81 2.05 -3.11 -15.02
C GLN A 81 1.57 -4.46 -15.54
N ALA A 82 0.77 -5.15 -14.74
CA ALA A 82 0.22 -6.46 -15.10
C ALA A 82 -0.54 -6.40 -16.42
N TYR A 83 -1.48 -5.47 -16.56
CA TYR A 83 -2.19 -5.32 -17.82
C TYR A 83 -1.48 -4.34 -18.75
N TYR A 84 -0.45 -3.68 -18.22
CA TYR A 84 0.37 -2.73 -18.97
C TYR A 84 -0.42 -1.47 -19.30
N GLN A 85 -1.14 -0.99 -18.31
CA GLN A 85 -1.81 0.29 -18.38
C GLN A 85 -0.81 1.38 -18.05
N ARG A 86 -0.45 1.48 -16.79
CA ARG A 86 0.67 2.30 -16.34
C ARG A 86 1.97 1.55 -16.58
N GLY A 87 1.84 0.23 -16.60
CA GLY A 87 2.98 -0.67 -16.72
C GLY A 87 3.61 -0.63 -18.09
N ALA A 88 3.02 0.17 -18.95
CA ALA A 88 3.47 0.31 -20.33
C ALA A 88 4.35 1.56 -20.47
N SER A 89 5.02 1.90 -19.39
CA SER A 89 5.88 3.08 -19.36
C SER A 89 7.25 2.76 -19.96
N ARG A 22 -8.42 -9.16 -17.22
CA ARG A 22 -7.58 -8.92 -16.02
C ARG A 22 -8.12 -7.72 -15.26
N PRO A 23 -8.59 -7.92 -14.02
CA PRO A 23 -9.22 -6.86 -13.22
C PRO A 23 -8.19 -5.88 -12.64
N VAL A 24 -7.57 -5.10 -13.51
CA VAL A 24 -6.52 -4.19 -13.08
C VAL A 24 -7.06 -2.81 -12.76
N ASP A 25 -8.32 -2.71 -12.39
CA ASP A 25 -8.91 -1.43 -11.99
C ASP A 25 -8.13 -0.82 -10.82
N GLN A 26 -7.24 -1.63 -10.26
CA GLN A 26 -6.33 -1.25 -9.20
C GLN A 26 -5.52 0.00 -9.55
N TYR A 27 -5.31 0.26 -10.85
CA TYR A 27 -4.55 1.44 -11.27
C TYR A 27 -5.49 2.59 -11.65
N SER A 28 -6.66 2.23 -12.16
CA SER A 28 -7.63 3.21 -12.63
C SER A 28 -8.29 3.94 -11.45
N ASN A 29 -7.96 3.50 -10.26
CA ASN A 29 -8.60 3.98 -9.05
C ASN A 29 -7.64 4.81 -8.18
N GLN A 30 -6.63 5.42 -8.84
CA GLN A 30 -5.43 5.93 -8.16
C GLN A 30 -5.70 6.62 -6.82
N ASN A 31 -6.37 7.77 -6.83
CA ASN A 31 -6.50 8.55 -5.59
C ASN A 31 -7.35 7.82 -4.56
N ASN A 32 -8.38 7.11 -5.03
CA ASN A 32 -9.26 6.38 -4.13
C ASN A 32 -8.52 5.24 -3.45
N PHE A 33 -7.70 4.50 -4.18
CA PHE A 33 -6.98 3.39 -3.57
C PHE A 33 -5.79 3.90 -2.77
N VAL A 34 -5.35 5.13 -3.04
CA VAL A 34 -4.38 5.76 -2.16
C VAL A 34 -4.96 5.86 -0.76
N HIS A 35 -6.17 6.39 -0.67
CA HIS A 35 -6.82 6.53 0.61
C HIS A 35 -7.22 5.17 1.17
N ASP A 36 -7.92 4.37 0.36
CA ASP A 36 -8.47 3.10 0.82
C ASP A 36 -7.40 2.03 1.02
N CYS A 37 -6.61 1.76 0.00
CA CYS A 37 -5.66 0.65 0.04
C CYS A 37 -4.44 0.99 0.88
N VAL A 38 -4.02 2.24 0.89
CA VAL A 38 -2.91 2.60 1.76
C VAL A 38 -3.38 2.59 3.20
N ASN A 39 -4.65 2.87 3.39
CA ASN A 39 -5.28 2.74 4.70
C ASN A 39 -5.05 1.32 5.23
N ILE A 40 -5.47 0.34 4.44
CA ILE A 40 -5.40 -1.07 4.85
C ILE A 40 -3.96 -1.56 4.93
N THR A 41 -3.11 -1.13 4.01
CA THR A 41 -1.69 -1.45 4.10
C THR A 41 -1.06 -0.88 5.36
N VAL A 42 -1.57 0.25 5.83
CA VAL A 42 -1.09 0.79 7.10
C VAL A 42 -1.41 -0.17 8.23
N LYS A 43 -2.64 -0.69 8.24
CA LYS A 43 -3.03 -1.68 9.22
C LYS A 43 -2.14 -2.91 9.08
N GLN A 44 -1.84 -3.27 7.84
CA GLN A 44 -0.94 -4.37 7.56
C GLN A 44 0.42 -4.16 8.22
N HIS A 45 0.99 -2.97 8.03
CA HIS A 45 2.30 -2.68 8.57
C HIS A 45 2.27 -2.60 10.09
N THR A 46 1.18 -2.07 10.64
CA THR A 46 1.04 -1.97 12.08
C THR A 46 0.84 -3.36 12.70
N VAL A 47 0.24 -4.28 11.94
CA VAL A 47 0.13 -5.68 12.36
C VAL A 47 1.49 -6.35 12.32
N THR A 48 2.19 -6.20 11.19
CA THR A 48 3.55 -6.69 11.08
C THR A 48 4.43 -6.10 12.18
N THR A 49 4.07 -4.90 12.61
CA THR A 49 4.72 -4.26 13.73
C THR A 49 4.31 -4.90 15.05
N THR A 50 3.02 -5.19 15.19
CA THR A 50 2.52 -5.89 16.35
C THR A 50 3.26 -7.21 16.53
N THR A 51 3.65 -7.80 15.41
CA THR A 51 4.37 -9.05 15.44
C THR A 51 5.90 -8.84 15.41
N LYS A 52 6.35 -7.64 15.05
CA LYS A 52 7.78 -7.31 15.08
C LYS A 52 8.24 -7.04 16.51
N GLY A 53 7.29 -7.13 17.43
CA GLY A 53 7.59 -6.89 18.82
C GLY A 53 6.65 -5.89 19.43
N GLU A 54 5.80 -5.32 18.58
CA GLU A 54 4.77 -4.39 19.01
C GLU A 54 5.40 -3.15 19.65
N ASN A 55 6.46 -2.72 19.00
CA ASN A 55 7.17 -1.52 19.39
C ASN A 55 6.95 -0.44 18.36
N PHE A 56 5.69 -0.19 18.08
CA PHE A 56 5.29 0.93 17.28
C PHE A 56 5.18 2.15 18.16
N THR A 57 5.64 3.25 17.63
CA THR A 57 5.45 4.51 18.22
C THR A 57 4.91 5.39 17.10
N GLU A 58 4.34 6.56 17.36
CA GLU A 58 3.83 7.36 16.25
C GLU A 58 4.94 7.61 15.24
N THR A 59 6.16 7.65 15.72
CA THR A 59 7.34 7.75 14.89
C THR A 59 7.39 6.61 13.89
N ASP A 60 7.28 5.42 14.43
CA ASP A 60 7.39 4.20 13.66
C ASP A 60 6.20 4.08 12.72
N ILE A 61 5.02 4.42 13.22
CA ILE A 61 3.79 4.24 12.47
C ILE A 61 3.64 5.26 11.35
N LYS A 62 4.02 6.51 11.63
CA LYS A 62 4.06 7.52 10.58
C LYS A 62 5.06 7.07 9.53
N ALA A 63 6.21 6.59 9.97
CA ALA A 63 7.22 6.06 9.06
C ALA A 63 6.67 4.86 8.30
N MET A 64 5.85 4.05 8.96
CA MET A 64 5.19 2.93 8.30
C MET A 64 4.37 3.46 7.15
N GLU A 65 3.48 4.41 7.45
CA GLU A 65 2.55 4.96 6.47
C GLU A 65 3.26 5.46 5.22
N ARG A 66 4.48 5.94 5.37
CA ARG A 66 5.25 6.45 4.23
C ARG A 66 5.64 5.29 3.32
N VAL A 67 6.23 4.28 3.93
CA VAL A 67 6.62 3.08 3.23
C VAL A 67 5.38 2.36 2.70
N VAL A 68 4.30 2.47 3.46
CA VAL A 68 3.02 1.86 3.14
C VAL A 68 2.35 2.50 1.94
N GLU A 69 2.37 3.83 1.85
CA GLU A 69 1.76 4.49 0.72
C GLU A 69 2.44 4.04 -0.57
N GLN A 70 3.76 3.94 -0.55
CA GLN A 70 4.48 3.39 -1.69
C GLN A 70 4.31 1.87 -1.75
N MET A 71 4.12 1.23 -0.61
CA MET A 71 3.95 -0.23 -0.55
C MET A 71 2.71 -0.65 -1.31
N CYS A 72 1.61 -0.02 -0.99
CA CYS A 72 0.34 -0.37 -1.59
C CYS A 72 0.25 0.17 -3.02
N ILE A 73 0.66 1.42 -3.20
CA ILE A 73 0.68 2.05 -4.50
C ILE A 73 1.56 1.26 -5.47
N THR A 74 2.71 0.81 -4.98
CA THR A 74 3.57 -0.08 -5.75
C THR A 74 2.88 -1.40 -6.10
N GLN A 75 2.18 -2.00 -5.15
CA GLN A 75 1.49 -3.26 -5.39
C GLN A 75 0.35 -3.06 -6.38
N TYR A 76 -0.28 -1.91 -6.31
CA TYR A 76 -1.36 -1.58 -7.23
C TYR A 76 -0.78 -1.19 -8.60
N GLN A 77 0.45 -0.68 -8.60
CA GLN A 77 1.20 -0.53 -9.86
C GLN A 77 1.53 -1.91 -10.43
N ARG A 78 1.75 -2.88 -9.55
CA ARG A 78 1.96 -4.26 -9.95
C ARG A 78 0.77 -4.76 -10.74
N GLU A 79 -0.41 -4.33 -10.36
CA GLU A 79 -1.61 -4.65 -11.13
C GLU A 79 -1.53 -4.04 -12.51
N SER A 80 -1.15 -2.78 -12.57
CA SER A 80 -1.10 -2.08 -13.83
C SER A 80 -0.04 -2.70 -14.75
N GLN A 81 1.06 -3.17 -14.17
CA GLN A 81 2.07 -3.88 -14.95
C GLN A 81 1.56 -5.27 -15.33
N ALA A 82 0.72 -5.83 -14.47
CA ALA A 82 0.13 -7.15 -14.70
C ALA A 82 -0.54 -7.23 -16.07
N TYR A 83 -1.44 -6.29 -16.38
CA TYR A 83 -2.04 -6.25 -17.71
C TYR A 83 -1.20 -5.39 -18.65
N TYR A 84 -0.44 -4.48 -18.03
CA TYR A 84 0.33 -3.45 -18.74
C TYR A 84 -0.62 -2.33 -19.19
N GLN A 85 -1.66 -2.12 -18.39
CA GLN A 85 -2.57 -1.01 -18.59
C GLN A 85 -1.84 0.31 -18.39
N ARG A 86 -1.41 0.57 -17.17
CA ARG A 86 -0.50 1.67 -16.90
C ARG A 86 0.93 1.18 -17.11
N GLY A 87 1.19 -0.03 -16.66
CA GLY A 87 2.40 -0.73 -17.02
C GLY A 87 3.51 -0.53 -16.02
N ALA A 88 3.54 0.65 -15.44
CA ALA A 88 4.52 1.01 -14.42
C ALA A 88 5.92 1.01 -15.02
N SER A 89 6.07 1.73 -16.13
CA SER A 89 7.34 1.85 -16.81
C SER A 89 7.51 3.27 -17.34
N ARG A 22 -8.12 -9.61 -17.03
CA ARG A 22 -7.20 -9.47 -15.87
C ARG A 22 -7.63 -8.29 -15.00
N PRO A 23 -8.08 -8.58 -13.77
CA PRO A 23 -8.57 -7.54 -12.83
C PRO A 23 -7.46 -6.59 -12.39
N VAL A 24 -7.31 -5.50 -13.13
CA VAL A 24 -6.34 -4.47 -12.81
C VAL A 24 -7.02 -3.15 -12.57
N ASP A 25 -8.25 -3.21 -12.06
CA ASP A 25 -9.04 -2.01 -11.78
C ASP A 25 -8.37 -1.10 -10.75
N GLN A 26 -7.14 -1.40 -10.40
CA GLN A 26 -6.32 -0.57 -9.51
C GLN A 26 -6.27 0.88 -10.03
N TYR A 27 -6.15 1.05 -11.35
CA TYR A 27 -6.02 2.38 -11.93
C TYR A 27 -7.38 3.04 -12.06
N SER A 28 -8.38 2.21 -12.28
CA SER A 28 -9.76 2.64 -12.41
C SER A 28 -10.18 3.49 -11.21
N ASN A 29 -9.88 3.02 -10.02
CA ASN A 29 -10.27 3.73 -8.79
C ASN A 29 -9.05 4.30 -8.07
N GLN A 30 -7.97 4.55 -8.83
CA GLN A 30 -6.65 4.91 -8.26
C GLN A 30 -6.73 5.93 -7.11
N ASN A 31 -7.58 6.95 -7.22
CA ASN A 31 -7.64 7.95 -6.15
C ASN A 31 -8.21 7.34 -4.88
N ASN A 32 -9.36 6.67 -5.02
CA ASN A 32 -9.96 5.95 -3.90
C ASN A 32 -9.00 4.86 -3.45
N PHE A 33 -8.35 4.24 -4.42
CA PHE A 33 -7.36 3.20 -4.18
C PHE A 33 -6.25 3.70 -3.28
N VAL A 34 -5.73 4.89 -3.55
CA VAL A 34 -4.66 5.45 -2.75
C VAL A 34 -5.09 5.58 -1.29
N HIS A 35 -6.25 6.17 -1.05
CA HIS A 35 -6.69 6.37 0.32
C HIS A 35 -7.07 5.05 0.98
N ASP A 36 -7.82 4.22 0.26
CA ASP A 36 -8.37 2.98 0.80
C ASP A 36 -7.30 1.89 0.94
N CYS A 37 -6.55 1.65 -0.13
CA CYS A 37 -5.60 0.55 -0.15
C CYS A 37 -4.38 0.89 0.70
N VAL A 38 -3.94 2.15 0.68
CA VAL A 38 -2.83 2.56 1.54
C VAL A 38 -3.28 2.52 2.98
N ASN A 39 -4.55 2.78 3.20
CA ASN A 39 -5.10 2.64 4.54
C ASN A 39 -4.96 1.22 5.04
N ILE A 40 -5.50 0.25 4.30
CA ILE A 40 -5.44 -1.15 4.70
C ILE A 40 -4.01 -1.66 4.78
N THR A 41 -3.15 -1.21 3.87
CA THR A 41 -1.74 -1.53 3.96
C THR A 41 -1.11 -0.94 5.23
N VAL A 42 -1.63 0.21 5.67
CA VAL A 42 -1.18 0.77 6.94
C VAL A 42 -1.54 -0.18 8.08
N LYS A 43 -2.80 -0.65 8.09
CA LYS A 43 -3.23 -1.61 9.07
C LYS A 43 -2.31 -2.83 9.05
N GLN A 44 -2.05 -3.31 7.83
CA GLN A 44 -1.16 -4.44 7.61
C GLN A 44 0.22 -4.22 8.24
N HIS A 45 0.81 -3.07 7.95
CA HIS A 45 2.15 -2.77 8.43
C HIS A 45 2.15 -2.57 9.93
N THR A 46 1.13 -1.90 10.45
CA THR A 46 1.04 -1.67 11.89
C THR A 46 0.82 -3.00 12.63
N VAL A 47 0.15 -3.95 11.97
CA VAL A 47 -0.03 -5.29 12.53
C VAL A 47 1.28 -6.07 12.47
N THR A 48 1.97 -5.96 11.35
CA THR A 48 3.30 -6.53 11.20
C THR A 48 4.19 -6.01 12.34
N THR A 49 4.08 -4.72 12.59
CA THR A 49 4.78 -4.07 13.66
C THR A 49 4.27 -4.54 15.04
N THR A 50 2.97 -4.75 15.16
CA THR A 50 2.40 -5.29 16.39
C THR A 50 3.02 -6.65 16.71
N THR A 51 3.33 -7.40 15.66
CA THR A 51 3.84 -8.75 15.85
C THR A 51 5.37 -8.80 15.79
N LYS A 52 6.00 -7.70 15.38
CA LYS A 52 7.47 -7.57 15.44
C LYS A 52 7.89 -7.42 16.90
N GLY A 53 6.90 -7.19 17.73
CA GLY A 53 7.12 -6.68 19.05
C GLY A 53 6.29 -5.43 19.19
N GLU A 54 5.20 -5.52 19.92
CA GLU A 54 4.15 -4.51 19.88
C GLU A 54 4.56 -3.24 20.64
N ASN A 55 5.55 -2.56 20.07
CA ASN A 55 6.01 -1.28 20.59
C ASN A 55 5.37 -0.14 19.81
N PHE A 56 5.57 -0.15 18.48
CA PHE A 56 5.11 0.89 17.56
C PHE A 56 5.01 2.26 18.20
N THR A 57 6.03 3.02 17.98
CA THR A 57 6.03 4.37 18.39
C THR A 57 5.32 5.16 17.32
N GLU A 58 4.89 6.38 17.58
CA GLU A 58 4.35 7.17 16.48
C GLU A 58 5.44 7.29 15.42
N THR A 59 6.68 7.26 15.88
CA THR A 59 7.83 7.24 15.00
C THR A 59 7.74 6.05 14.06
N ASP A 60 7.53 4.87 14.65
CA ASP A 60 7.37 3.66 13.87
C ASP A 60 6.19 3.79 12.94
N ILE A 61 5.03 4.10 13.50
CA ILE A 61 3.78 4.10 12.76
C ILE A 61 3.73 5.13 11.64
N LYS A 62 4.27 6.31 11.88
CA LYS A 62 4.38 7.31 10.83
C LYS A 62 5.28 6.80 9.73
N ALA A 63 6.44 6.26 10.11
CA ALA A 63 7.37 5.68 9.15
C ALA A 63 6.70 4.53 8.41
N MET A 64 5.88 3.77 9.13
CA MET A 64 5.10 2.68 8.55
C MET A 64 4.27 3.22 7.41
N GLU A 65 3.48 4.25 7.69
CA GLU A 65 2.59 4.85 6.71
C GLU A 65 3.33 5.31 5.46
N ARG A 66 4.59 5.72 5.62
CA ARG A 66 5.38 6.18 4.48
C ARG A 66 5.73 4.99 3.59
N VAL A 67 6.27 3.97 4.23
CA VAL A 67 6.63 2.73 3.55
C VAL A 67 5.38 2.10 2.96
N VAL A 68 4.27 2.27 3.66
CA VAL A 68 2.99 1.72 3.25
C VAL A 68 2.44 2.40 2.01
N GLU A 69 2.49 3.74 1.96
CA GLU A 69 1.97 4.44 0.81
C GLU A 69 2.68 3.94 -0.44
N GLN A 70 3.99 3.79 -0.36
CA GLN A 70 4.77 3.21 -1.46
C GLN A 70 4.54 1.70 -1.55
N MET A 71 4.21 1.06 -0.44
CA MET A 71 3.99 -0.39 -0.43
C MET A 71 2.79 -0.73 -1.30
N CYS A 72 1.68 -0.06 -1.05
CA CYS A 72 0.46 -0.33 -1.79
C CYS A 72 0.51 0.31 -3.16
N ILE A 73 1.13 1.48 -3.25
CA ILE A 73 1.30 2.15 -4.53
C ILE A 73 2.23 1.35 -5.43
N THR A 74 3.23 0.70 -4.84
CA THR A 74 4.00 -0.30 -5.57
C THR A 74 3.09 -1.39 -6.13
N GLN A 75 2.14 -1.83 -5.32
CA GLN A 75 1.17 -2.83 -5.77
C GLN A 75 0.23 -2.27 -6.85
N TYR A 76 0.03 -0.96 -6.82
CA TYR A 76 -0.74 -0.29 -7.87
C TYR A 76 0.05 -0.30 -9.17
N GLN A 77 1.35 -0.01 -9.07
CA GLN A 77 2.24 -0.10 -10.22
C GLN A 77 2.21 -1.53 -10.74
N ARG A 78 2.23 -2.46 -9.81
CA ARG A 78 2.09 -3.88 -10.11
C ARG A 78 0.88 -4.17 -10.98
N GLU A 79 -0.30 -3.78 -10.52
CA GLU A 79 -1.54 -4.09 -11.22
C GLU A 79 -1.59 -3.47 -12.61
N SER A 80 -1.34 -2.18 -12.71
CA SER A 80 -1.42 -1.52 -13.99
C SER A 80 -0.35 -2.04 -14.95
N GLN A 81 0.77 -2.50 -14.40
CA GLN A 81 1.76 -3.19 -15.19
C GLN A 81 1.23 -4.53 -15.61
N ALA A 82 0.58 -5.19 -14.67
CA ALA A 82 0.18 -6.56 -14.83
C ALA A 82 -0.58 -6.75 -16.13
N TYR A 83 -1.58 -5.90 -16.38
CA TYR A 83 -2.25 -5.95 -17.67
C TYR A 83 -1.65 -4.98 -18.68
N TYR A 84 -0.84 -4.03 -18.18
CA TYR A 84 -0.28 -2.95 -19.01
C TYR A 84 -1.37 -1.94 -19.36
N GLN A 85 -2.10 -1.54 -18.33
CA GLN A 85 -3.16 -0.56 -18.47
C GLN A 85 -2.58 0.85 -18.43
N ARG A 86 -2.18 1.27 -17.25
CA ARG A 86 -1.40 2.48 -17.12
C ARG A 86 0.07 2.11 -17.31
N GLY A 87 0.41 1.00 -16.70
CA GLY A 87 1.67 0.35 -16.94
C GLY A 87 2.69 0.63 -15.86
N ALA A 88 3.07 1.90 -15.74
CA ALA A 88 4.03 2.35 -14.73
C ALA A 88 5.37 1.63 -14.88
N SER A 89 5.60 1.07 -16.06
CA SER A 89 6.81 0.34 -16.35
C SER A 89 7.30 0.69 -17.75
N ARG A 22 -8.27 -7.72 -18.14
CA ARG A 22 -7.66 -8.00 -16.83
C ARG A 22 -8.12 -6.96 -15.82
N PRO A 23 -8.40 -7.39 -14.58
CA PRO A 23 -8.91 -6.52 -13.53
C PRO A 23 -7.83 -5.61 -12.94
N VAL A 24 -7.28 -4.73 -13.77
CA VAL A 24 -6.31 -3.74 -13.31
C VAL A 24 -7.01 -2.49 -12.79
N ASP A 25 -8.23 -2.65 -12.32
CA ASP A 25 -9.01 -1.50 -11.84
C ASP A 25 -8.32 -0.83 -10.65
N GLN A 26 -7.26 -1.46 -10.15
CA GLN A 26 -6.37 -0.84 -9.17
C GLN A 26 -5.76 0.43 -9.76
N TYR A 27 -5.63 0.45 -11.08
CA TYR A 27 -5.10 1.58 -11.80
C TYR A 27 -6.19 2.62 -12.06
N SER A 28 -7.32 2.17 -12.58
CA SER A 28 -8.43 3.06 -12.92
C SER A 28 -9.05 3.68 -11.67
N ASN A 29 -9.22 2.87 -10.63
CA ASN A 29 -9.88 3.31 -9.41
C ASN A 29 -8.85 3.65 -8.34
N GLN A 30 -7.65 4.01 -8.79
CA GLN A 30 -6.51 4.22 -7.90
C GLN A 30 -6.85 5.11 -6.71
N ASN A 31 -7.66 6.15 -6.92
CA ASN A 31 -7.94 7.12 -5.85
C ASN A 31 -8.58 6.43 -4.64
N ASN A 32 -9.64 5.66 -4.89
CA ASN A 32 -10.32 4.92 -3.82
C ASN A 32 -9.40 3.84 -3.30
N PHE A 33 -8.63 3.26 -4.21
CA PHE A 33 -7.65 2.24 -3.88
C PHE A 33 -6.62 2.77 -2.88
N VAL A 34 -6.17 4.00 -3.09
CA VAL A 34 -5.19 4.61 -2.20
C VAL A 34 -5.77 4.78 -0.80
N HIS A 35 -7.03 5.16 -0.70
CA HIS A 35 -7.65 5.28 0.61
C HIS A 35 -7.80 3.91 1.26
N ASP A 36 -8.53 3.01 0.59
CA ASP A 36 -8.85 1.70 1.15
C ASP A 36 -7.62 0.85 1.40
N CYS A 37 -6.78 0.72 0.39
CA CYS A 37 -5.64 -0.18 0.46
C CYS A 37 -4.47 0.40 1.25
N VAL A 38 -4.18 1.68 1.09
CA VAL A 38 -3.10 2.28 1.89
C VAL A 38 -3.53 2.34 3.35
N ASN A 39 -4.83 2.30 3.56
CA ASN A 39 -5.35 2.16 4.91
C ASN A 39 -4.97 0.80 5.48
N ILE A 40 -5.40 -0.26 4.80
CA ILE A 40 -5.19 -1.63 5.28
C ILE A 40 -3.72 -1.99 5.36
N THR A 41 -2.93 -1.43 4.48
CA THR A 41 -1.48 -1.61 4.52
C THR A 41 -0.86 -0.93 5.74
N VAL A 42 -1.43 0.19 6.16
CA VAL A 42 -1.01 0.79 7.43
C VAL A 42 -1.36 -0.13 8.58
N LYS A 43 -2.58 -0.66 8.56
CA LYS A 43 -3.00 -1.63 9.55
C LYS A 43 -2.05 -2.82 9.52
N GLN A 44 -1.64 -3.20 8.31
CA GLN A 44 -0.68 -4.28 8.07
C GLN A 44 0.62 -4.00 8.82
N HIS A 45 1.19 -2.84 8.57
CA HIS A 45 2.47 -2.47 9.14
C HIS A 45 2.38 -2.33 10.64
N THR A 46 1.33 -1.66 11.11
CA THR A 46 1.14 -1.49 12.54
C THR A 46 0.91 -2.83 13.24
N VAL A 47 0.20 -3.74 12.57
CA VAL A 47 0.05 -5.11 13.07
C VAL A 47 1.41 -5.78 13.14
N THR A 48 2.27 -5.46 12.17
CA THR A 48 3.64 -5.96 12.16
C THR A 48 4.39 -5.45 13.40
N THR A 49 4.14 -4.21 13.79
CA THR A 49 4.74 -3.68 15.00
C THR A 49 4.06 -4.22 16.25
N THR A 50 2.87 -4.76 16.08
CA THR A 50 2.20 -5.47 17.15
C THR A 50 2.81 -6.87 17.30
N THR A 51 3.22 -7.46 16.20
CA THR A 51 3.81 -8.78 16.23
C THR A 51 5.32 -8.72 16.50
N LYS A 52 5.90 -7.53 16.36
CA LYS A 52 7.31 -7.34 16.71
C LYS A 52 7.46 -7.18 18.23
N GLY A 53 6.42 -7.57 18.95
CA GLY A 53 6.43 -7.44 20.39
C GLY A 53 5.51 -6.34 20.86
N GLU A 54 4.55 -5.96 20.01
CA GLU A 54 3.62 -4.87 20.28
C GLU A 54 4.35 -3.64 20.83
N ASN A 55 4.84 -2.85 19.89
CA ASN A 55 5.65 -1.69 20.21
C ASN A 55 5.24 -0.53 19.39
N PHE A 56 5.80 -0.41 18.19
CA PHE A 56 5.68 0.80 17.38
C PHE A 56 5.90 2.04 18.24
N THR A 57 5.81 3.15 17.61
CA THR A 57 5.94 4.41 18.24
C THR A 57 5.42 5.37 17.18
N GLU A 58 5.08 6.61 17.48
CA GLU A 58 4.71 7.51 16.39
C GLU A 58 5.83 7.57 15.38
N THR A 59 7.06 7.40 15.85
CA THR A 59 8.21 7.31 14.99
C THR A 59 8.05 6.16 14.01
N ASP A 60 7.78 4.98 14.54
CA ASP A 60 7.61 3.80 13.72
C ASP A 60 6.43 3.94 12.80
N ILE A 61 5.30 4.36 13.33
CA ILE A 61 4.05 4.33 12.58
C ILE A 61 4.02 5.35 11.46
N LYS A 62 4.53 6.55 11.73
CA LYS A 62 4.65 7.55 10.69
C LYS A 62 5.57 7.04 9.59
N ALA A 63 6.71 6.49 9.98
CA ALA A 63 7.67 5.96 9.03
C ALA A 63 7.06 4.76 8.29
N MET A 64 6.31 3.96 9.03
CA MET A 64 5.62 2.80 8.46
C MET A 64 4.65 3.25 7.39
N GLU A 65 3.82 4.24 7.72
CA GLU A 65 2.81 4.76 6.78
C GLU A 65 3.46 5.23 5.49
N ARG A 66 4.68 5.74 5.57
CA ARG A 66 5.41 6.19 4.38
C ARG A 66 5.70 4.99 3.48
N VAL A 67 6.26 3.98 4.09
CA VAL A 67 6.57 2.74 3.41
C VAL A 67 5.27 2.08 2.94
N VAL A 68 4.22 2.29 3.71
CA VAL A 68 2.90 1.74 3.45
C VAL A 68 2.25 2.34 2.21
N GLU A 69 2.25 3.68 2.10
CA GLU A 69 1.66 4.32 0.93
C GLU A 69 2.35 3.81 -0.33
N GLN A 70 3.67 3.67 -0.26
CA GLN A 70 4.42 3.10 -1.35
C GLN A 70 4.24 1.59 -1.44
N MET A 71 3.94 0.95 -0.32
CA MET A 71 3.70 -0.49 -0.29
C MET A 71 2.49 -0.84 -1.16
N CYS A 72 1.41 -0.14 -0.87
CA CYS A 72 0.15 -0.32 -1.58
C CYS A 72 0.24 0.23 -3.01
N ILE A 73 0.79 1.42 -3.13
CA ILE A 73 0.92 2.07 -4.44
C ILE A 73 1.86 1.28 -5.33
N THR A 74 2.84 0.61 -4.73
CA THR A 74 3.64 -0.39 -5.44
C THR A 74 2.78 -1.55 -5.93
N GLN A 75 1.86 -2.01 -5.09
CA GLN A 75 0.93 -3.06 -5.48
C GLN A 75 0.05 -2.60 -6.64
N TYR A 76 -0.30 -1.32 -6.63
CA TYR A 76 -1.01 -0.72 -7.73
C TYR A 76 -0.14 -0.74 -9.00
N GLN A 77 1.15 -0.45 -8.82
CA GLN A 77 2.10 -0.51 -9.93
C GLN A 77 2.14 -1.93 -10.47
N ARG A 78 2.08 -2.90 -9.57
CA ARG A 78 2.07 -4.30 -9.95
C ARG A 78 0.84 -4.61 -10.79
N GLU A 79 -0.33 -4.10 -10.37
CA GLU A 79 -1.57 -4.34 -11.10
C GLU A 79 -1.47 -3.87 -12.52
N SER A 80 -1.28 -2.57 -12.65
CA SER A 80 -1.25 -1.96 -13.95
C SER A 80 -0.26 -2.67 -14.83
N GLN A 81 0.98 -2.78 -14.38
CA GLN A 81 2.03 -3.40 -15.18
C GLN A 81 1.71 -4.88 -15.41
N ALA A 82 0.99 -5.48 -14.47
CA ALA A 82 0.52 -6.86 -14.62
C ALA A 82 -0.13 -7.03 -15.99
N TYR A 83 -0.96 -6.07 -16.37
CA TYR A 83 -1.48 -6.05 -17.73
C TYR A 83 -0.59 -5.21 -18.65
N TYR A 84 -0.50 -3.93 -18.30
CA TYR A 84 0.05 -2.85 -19.13
C TYR A 84 -0.41 -1.54 -18.50
N GLN A 85 -1.28 -0.79 -19.17
CA GLN A 85 -1.87 0.44 -18.63
C GLN A 85 -0.79 1.46 -18.23
N ARG A 86 -0.27 1.33 -17.02
CA ARG A 86 0.88 2.10 -16.57
C ARG A 86 2.15 1.50 -17.19
N GLY A 87 2.12 0.18 -17.29
CA GLY A 87 3.14 -0.60 -17.96
C GLY A 87 3.13 -0.37 -19.46
N ALA A 88 3.34 0.87 -19.85
CA ALA A 88 3.20 1.27 -21.24
C ALA A 88 3.91 2.59 -21.46
N SER A 89 4.83 2.61 -22.41
CA SER A 89 5.56 3.81 -22.74
C SER A 89 4.80 4.63 -23.77
N ARG A 22 -10.92 -6.65 -17.56
CA ARG A 22 -9.50 -6.59 -17.18
C ARG A 22 -9.34 -6.37 -15.68
N PRO A 23 -8.73 -7.32 -14.98
CA PRO A 23 -8.50 -7.24 -13.54
C PRO A 23 -7.36 -6.29 -13.18
N VAL A 24 -7.39 -5.08 -13.75
CA VAL A 24 -6.45 -4.04 -13.34
C VAL A 24 -7.20 -2.84 -12.80
N ASP A 25 -8.37 -3.10 -12.22
CA ASP A 25 -9.22 -2.03 -11.71
C ASP A 25 -8.50 -1.25 -10.60
N GLN A 26 -7.26 -1.66 -10.32
CA GLN A 26 -6.33 -0.91 -9.49
C GLN A 26 -6.21 0.53 -10.03
N TYR A 27 -6.18 0.66 -11.36
CA TYR A 27 -5.94 1.97 -11.98
C TYR A 27 -7.23 2.72 -12.18
N SER A 28 -8.24 2.03 -12.67
CA SER A 28 -9.56 2.61 -12.88
C SER A 28 -10.08 3.27 -11.60
N ASN A 29 -9.82 2.63 -10.46
CA ASN A 29 -10.28 3.13 -9.18
C ASN A 29 -9.10 3.61 -8.33
N GLN A 30 -8.00 4.00 -9.00
CA GLN A 30 -6.72 4.35 -8.37
C GLN A 30 -6.88 5.18 -7.10
N ASN A 31 -7.66 6.27 -7.17
CA ASN A 31 -7.77 7.19 -6.04
C ASN A 31 -8.34 6.50 -4.80
N ASN A 32 -9.47 5.83 -4.97
CA ASN A 32 -10.09 5.09 -3.87
C ASN A 32 -9.22 3.90 -3.49
N PHE A 33 -8.58 3.32 -4.49
CA PHE A 33 -7.64 2.22 -4.29
C PHE A 33 -6.53 2.63 -3.33
N VAL A 34 -5.96 3.81 -3.56
CA VAL A 34 -4.92 4.36 -2.71
C VAL A 34 -5.43 4.49 -1.27
N HIS A 35 -6.63 5.04 -1.12
CA HIS A 35 -7.20 5.22 0.21
C HIS A 35 -7.40 3.88 0.91
N ASP A 36 -8.19 3.01 0.28
CA ASP A 36 -8.55 1.73 0.88
C ASP A 36 -7.34 0.83 1.12
N CYS A 37 -6.53 0.65 0.09
CA CYS A 37 -5.40 -0.27 0.16
C CYS A 37 -4.37 0.22 1.15
N VAL A 38 -3.99 1.49 1.07
CA VAL A 38 -2.99 2.02 1.99
C VAL A 38 -3.50 1.92 3.41
N ASN A 39 -4.79 2.12 3.61
CA ASN A 39 -5.37 1.93 4.93
C ASN A 39 -5.14 0.51 5.44
N ILE A 40 -5.60 -0.49 4.69
CA ILE A 40 -5.47 -1.88 5.12
C ILE A 40 -4.01 -2.28 5.28
N THR A 41 -3.15 -1.80 4.41
CA THR A 41 -1.73 -2.03 4.57
C THR A 41 -1.15 -1.30 5.77
N VAL A 42 -1.70 -0.14 6.12
CA VAL A 42 -1.30 0.51 7.36
C VAL A 42 -1.67 -0.38 8.54
N LYS A 43 -2.88 -0.92 8.49
CA LYS A 43 -3.32 -1.88 9.48
C LYS A 43 -2.32 -3.02 9.58
N GLN A 44 -1.92 -3.53 8.42
CA GLN A 44 -0.92 -4.59 8.31
C GLN A 44 0.39 -4.20 8.98
N HIS A 45 0.95 -3.08 8.55
CA HIS A 45 2.26 -2.66 9.00
C HIS A 45 2.26 -2.34 10.49
N THR A 46 1.20 -1.69 10.95
CA THR A 46 1.08 -1.36 12.36
C THR A 46 1.00 -2.63 13.20
N VAL A 47 0.34 -3.66 12.66
CA VAL A 47 0.28 -4.97 13.30
C VAL A 47 1.66 -5.62 13.35
N THR A 48 2.40 -5.54 12.25
CA THR A 48 3.77 -6.05 12.20
C THR A 48 4.64 -5.33 13.22
N THR A 49 4.46 -4.03 13.32
CA THR A 49 5.20 -3.23 14.27
C THR A 49 4.64 -3.43 15.69
N THR A 50 3.46 -4.02 15.79
CA THR A 50 2.96 -4.47 17.07
C THR A 50 3.60 -5.81 17.42
N THR A 51 3.93 -6.59 16.41
CA THR A 51 4.50 -7.89 16.66
C THR A 51 6.03 -7.85 16.69
N LYS A 52 6.61 -6.68 16.41
CA LYS A 52 8.05 -6.50 16.63
C LYS A 52 8.35 -6.25 18.11
N GLY A 53 7.34 -6.30 18.96
CA GLY A 53 7.54 -6.09 20.38
C GLY A 53 6.49 -5.18 21.00
N GLU A 54 5.38 -4.99 20.29
CA GLU A 54 4.25 -4.17 20.76
C GLU A 54 4.72 -2.81 21.27
N ASN A 55 5.35 -2.07 20.39
CA ASN A 55 5.84 -0.74 20.72
C ASN A 55 5.13 0.30 19.87
N PHE A 56 5.51 0.33 18.58
CA PHE A 56 5.03 1.31 17.61
C PHE A 56 4.81 2.69 18.19
N THR A 57 5.81 3.51 17.97
CA THR A 57 5.78 4.85 18.41
C THR A 57 5.34 5.69 17.23
N GLU A 58 4.94 6.94 17.40
CA GLU A 58 4.56 7.74 16.23
C GLU A 58 5.66 7.72 15.17
N THR A 59 6.91 7.59 15.63
CA THR A 59 8.03 7.42 14.74
C THR A 59 7.81 6.19 13.88
N ASP A 60 7.34 5.12 14.50
CA ASP A 60 7.06 3.89 13.80
C ASP A 60 5.87 4.05 12.87
N ILE A 61 4.69 4.39 13.41
CA ILE A 61 3.48 4.37 12.61
C ILE A 61 3.53 5.34 11.44
N LYS A 62 4.13 6.51 11.62
CA LYS A 62 4.28 7.44 10.52
C LYS A 62 5.20 6.83 9.47
N ALA A 63 6.34 6.29 9.90
CA ALA A 63 7.27 5.65 8.98
C ALA A 63 6.60 4.45 8.30
N MET A 64 5.75 3.76 9.06
CA MET A 64 4.99 2.64 8.54
C MET A 64 4.15 3.08 7.37
N GLU A 65 3.34 4.12 7.60
CA GLU A 65 2.45 4.66 6.57
C GLU A 65 3.20 5.01 5.29
N ARG A 66 4.45 5.43 5.41
CA ARG A 66 5.25 5.80 4.24
C ARG A 66 5.57 4.55 3.44
N VAL A 67 6.08 3.57 4.15
CA VAL A 67 6.37 2.26 3.58
C VAL A 67 5.11 1.63 3.02
N VAL A 68 4.01 1.89 3.72
CA VAL A 68 2.70 1.34 3.38
C VAL A 68 2.11 1.97 2.12
N GLU A 69 2.15 3.29 2.02
CA GLU A 69 1.62 3.96 0.84
C GLU A 69 2.31 3.41 -0.39
N GLN A 70 3.63 3.27 -0.29
CA GLN A 70 4.41 2.67 -1.35
C GLN A 70 4.18 1.17 -1.43
N MET A 71 3.78 0.56 -0.32
CA MET A 71 3.50 -0.87 -0.30
C MET A 71 2.32 -1.21 -1.21
N CYS A 72 1.23 -0.48 -1.03
CA CYS A 72 0.04 -0.68 -1.86
C CYS A 72 0.18 -0.02 -3.22
N ILE A 73 0.91 1.08 -3.27
CA ILE A 73 1.16 1.74 -4.54
C ILE A 73 2.11 0.88 -5.39
N THR A 74 3.00 0.16 -4.74
CA THR A 74 3.74 -0.90 -5.41
C THR A 74 2.79 -1.93 -6.01
N GLN A 75 1.77 -2.31 -5.25
CA GLN A 75 0.75 -3.23 -5.74
C GLN A 75 0.03 -2.67 -6.96
N TYR A 76 -0.19 -1.36 -6.98
CA TYR A 76 -0.82 -0.72 -8.13
C TYR A 76 0.11 -0.74 -9.33
N GLN A 77 1.39 -0.49 -9.08
CA GLN A 77 2.39 -0.56 -10.13
C GLN A 77 2.43 -1.97 -10.71
N ARG A 78 2.16 -2.93 -9.86
CA ARG A 78 2.07 -4.32 -10.28
C ARG A 78 0.88 -4.54 -11.20
N GLU A 79 -0.32 -4.13 -10.77
CA GLU A 79 -1.53 -4.41 -11.53
C GLU A 79 -1.51 -3.74 -12.89
N SER A 80 -1.21 -2.46 -12.91
CA SER A 80 -1.21 -1.72 -14.16
C SER A 80 -0.07 -2.19 -15.06
N GLN A 81 0.98 -2.75 -14.46
CA GLN A 81 2.03 -3.41 -15.21
C GLN A 81 1.52 -4.69 -15.79
N ALA A 82 0.80 -5.41 -14.96
CA ALA A 82 0.34 -6.74 -15.27
C ALA A 82 -0.36 -6.77 -16.63
N TYR A 83 -1.34 -5.90 -16.83
CA TYR A 83 -1.97 -5.78 -18.14
C TYR A 83 -1.33 -4.71 -19.02
N TYR A 84 -0.39 -3.95 -18.45
CA TYR A 84 0.27 -2.85 -19.18
C TYR A 84 -0.74 -1.75 -19.49
N GLN A 85 -1.40 -1.28 -18.44
CA GLN A 85 -2.42 -0.25 -18.55
C GLN A 85 -1.80 1.13 -18.31
N ARG A 86 -1.37 1.38 -17.08
CA ARG A 86 -0.52 2.54 -16.82
C ARG A 86 0.91 2.12 -17.11
N GLY A 87 1.24 0.92 -16.68
CA GLY A 87 2.46 0.28 -17.11
C GLY A 87 3.57 0.44 -16.12
N ALA A 88 4.47 -0.53 -16.09
CA ALA A 88 5.57 -0.53 -15.16
C ALA A 88 6.55 -1.62 -15.57
N SER A 89 6.64 -1.83 -16.88
CA SER A 89 7.45 -2.90 -17.44
C SER A 89 8.36 -2.33 -18.50
N ARG A 22 -11.17 -4.36 -15.94
CA ARG A 22 -9.96 -5.20 -15.73
C ARG A 22 -9.69 -5.34 -14.25
N PRO A 23 -9.02 -6.42 -13.82
CA PRO A 23 -8.65 -6.63 -12.43
C PRO A 23 -7.36 -5.91 -12.06
N VAL A 24 -7.13 -4.79 -12.74
CA VAL A 24 -5.99 -3.94 -12.46
C VAL A 24 -6.45 -2.55 -12.05
N ASP A 25 -7.65 -2.45 -11.48
CA ASP A 25 -8.23 -1.16 -11.13
C ASP A 25 -7.38 -0.42 -10.09
N GLN A 26 -6.32 -1.10 -9.66
CA GLN A 26 -5.29 -0.52 -8.83
C GLN A 26 -4.71 0.75 -9.49
N TYR A 27 -4.76 0.81 -10.81
CA TYR A 27 -4.29 1.99 -11.53
C TYR A 27 -5.47 2.77 -12.13
N SER A 28 -6.33 2.06 -12.85
CA SER A 28 -7.48 2.68 -13.51
C SER A 28 -8.36 3.47 -12.52
N ASN A 29 -8.51 2.94 -11.31
CA ASN A 29 -9.31 3.59 -10.28
C ASN A 29 -8.41 4.07 -9.14
N GLN A 30 -7.15 4.34 -9.49
CA GLN A 30 -6.05 4.55 -8.54
C GLN A 30 -6.43 5.42 -7.33
N ASN A 31 -7.14 6.52 -7.54
CA ASN A 31 -7.39 7.47 -6.44
C ASN A 31 -8.13 6.81 -5.28
N ASN A 32 -9.17 6.03 -5.59
CA ASN A 32 -9.92 5.32 -4.57
C ASN A 32 -9.11 4.18 -3.99
N PHE A 33 -8.40 3.51 -4.89
CA PHE A 33 -7.53 2.41 -4.50
C PHE A 33 -6.47 2.87 -3.51
N VAL A 34 -5.80 3.98 -3.81
CA VAL A 34 -4.74 4.48 -2.96
C VAL A 34 -5.26 4.78 -1.57
N HIS A 35 -6.39 5.46 -1.51
CA HIS A 35 -6.99 5.80 -0.24
C HIS A 35 -7.29 4.54 0.58
N ASP A 36 -8.09 3.65 0.02
CA ASP A 36 -8.47 2.42 0.73
C ASP A 36 -7.27 1.52 1.03
N CYS A 37 -6.43 1.31 0.02
CA CYS A 37 -5.30 0.39 0.15
C CYS A 37 -4.29 0.88 1.17
N VAL A 38 -3.89 2.14 1.08
CA VAL A 38 -2.90 2.67 2.02
C VAL A 38 -3.41 2.57 3.44
N ASN A 39 -4.71 2.78 3.62
CA ASN A 39 -5.32 2.60 4.93
C ASN A 39 -5.09 1.17 5.44
N ILE A 40 -5.53 0.18 4.68
CA ILE A 40 -5.45 -1.21 5.11
C ILE A 40 -4.00 -1.69 5.23
N THR A 41 -3.13 -1.20 4.37
CA THR A 41 -1.71 -1.50 4.51
C THR A 41 -1.13 -0.87 5.76
N VAL A 42 -1.67 0.26 6.19
CA VAL A 42 -1.28 0.81 7.48
C VAL A 42 -1.62 -0.18 8.58
N LYS A 43 -2.83 -0.72 8.51
CA LYS A 43 -3.24 -1.76 9.44
C LYS A 43 -2.27 -2.94 9.36
N GLN A 44 -1.98 -3.34 8.12
CA GLN A 44 -1.08 -4.45 7.82
C GLN A 44 0.28 -4.26 8.48
N HIS A 45 0.87 -3.10 8.24
CA HIS A 45 2.22 -2.82 8.69
C HIS A 45 2.26 -2.66 10.20
N THR A 46 1.26 -1.97 10.76
CA THR A 46 1.19 -1.80 12.20
C THR A 46 0.95 -3.13 12.90
N VAL A 47 0.17 -4.02 12.28
CA VAL A 47 0.01 -5.39 12.78
C VAL A 47 1.35 -6.13 12.74
N THR A 48 2.04 -6.02 11.62
CA THR A 48 3.36 -6.63 11.48
C THR A 48 4.31 -6.09 12.54
N THR A 49 4.15 -4.82 12.86
CA THR A 49 4.95 -4.17 13.87
C THR A 49 4.52 -4.56 15.30
N THR A 50 3.23 -4.68 15.53
CA THR A 50 2.77 -5.12 16.83
C THR A 50 3.19 -6.57 17.05
N THR A 51 3.45 -7.28 15.97
CA THR A 51 3.94 -8.64 16.12
C THR A 51 5.46 -8.71 15.98
N LYS A 52 6.09 -7.62 15.54
CA LYS A 52 7.56 -7.54 15.50
C LYS A 52 8.11 -7.39 16.93
N GLY A 53 7.20 -7.34 17.89
CA GLY A 53 7.59 -7.18 19.28
C GLY A 53 6.74 -6.17 20.00
N GLU A 54 5.70 -5.69 19.32
CA GLU A 54 4.70 -4.79 19.90
C GLU A 54 5.31 -3.45 20.28
N ASN A 55 6.41 -3.13 19.64
CA ASN A 55 7.17 -1.92 19.94
C ASN A 55 7.08 -0.92 18.80
N PHE A 56 5.91 -0.35 18.69
CA PHE A 56 5.62 0.75 17.79
C PHE A 56 5.56 2.03 18.60
N THR A 57 6.11 3.07 18.02
CA THR A 57 6.01 4.37 18.58
C THR A 57 5.36 5.22 17.51
N GLU A 58 4.79 6.37 17.83
CA GLU A 58 4.20 7.19 16.76
C GLU A 58 5.25 7.49 15.70
N THR A 59 6.51 7.49 16.13
CA THR A 59 7.63 7.61 15.23
C THR A 59 7.62 6.51 14.20
N ASP A 60 7.57 5.29 14.71
CA ASP A 60 7.61 4.11 13.89
C ASP A 60 6.36 4.02 13.05
N ILE A 61 5.22 4.30 13.66
CA ILE A 61 3.94 4.13 12.99
C ILE A 61 3.73 5.16 11.90
N LYS A 62 4.04 6.42 12.17
CA LYS A 62 3.93 7.45 11.14
C LYS A 62 4.87 7.09 9.99
N ALA A 63 6.09 6.69 10.32
CA ALA A 63 7.05 6.28 9.31
C ALA A 63 6.54 5.04 8.56
N MET A 64 5.89 4.13 9.29
CA MET A 64 5.27 2.96 8.70
C MET A 64 4.27 3.38 7.64
N GLU A 65 3.38 4.29 8.01
CA GLU A 65 2.33 4.79 7.11
C GLU A 65 2.92 5.36 5.83
N ARG A 66 4.12 5.93 5.91
CA ARG A 66 4.76 6.53 4.73
C ARG A 66 5.21 5.43 3.80
N VAL A 67 5.92 4.46 4.36
CA VAL A 67 6.37 3.30 3.61
C VAL A 67 5.17 2.54 3.07
N VAL A 68 4.09 2.57 3.84
CA VAL A 68 2.84 1.92 3.49
C VAL A 68 2.16 2.56 2.27
N GLU A 69 2.18 3.89 2.18
CA GLU A 69 1.60 4.56 1.02
C GLU A 69 2.34 4.10 -0.23
N GLN A 70 3.65 3.98 -0.10
CA GLN A 70 4.47 3.44 -1.17
C GLN A 70 4.28 1.94 -1.30
N MET A 71 3.89 1.28 -0.22
CA MET A 71 3.65 -0.16 -0.26
C MET A 71 2.50 -0.47 -1.20
N CYS A 72 1.39 0.26 -1.05
CA CYS A 72 0.24 0.09 -1.92
C CYS A 72 0.46 0.72 -3.29
N ILE A 73 1.11 1.86 -3.33
CA ILE A 73 1.43 2.49 -4.61
C ILE A 73 2.40 1.61 -5.40
N THR A 74 3.27 0.93 -4.69
CA THR A 74 4.08 -0.13 -5.30
C THR A 74 3.20 -1.23 -5.88
N GLN A 75 2.23 -1.67 -5.08
CA GLN A 75 1.30 -2.71 -5.52
C GLN A 75 0.51 -2.26 -6.76
N TYR A 76 0.22 -0.97 -6.83
CA TYR A 76 -0.49 -0.41 -7.97
C TYR A 76 0.41 -0.44 -9.22
N GLN A 77 1.69 -0.16 -9.04
CA GLN A 77 2.65 -0.21 -10.14
C GLN A 77 2.76 -1.65 -10.65
N ARG A 78 2.76 -2.59 -9.70
CA ARG A 78 2.80 -3.99 -10.03
C ARG A 78 1.57 -4.43 -10.82
N GLU A 79 0.42 -3.87 -10.49
CA GLU A 79 -0.83 -4.31 -11.12
C GLU A 79 -0.85 -3.94 -12.59
N SER A 80 -0.48 -2.71 -12.89
CA SER A 80 -0.53 -2.24 -14.26
C SER A 80 0.43 -3.03 -15.14
N GLN A 81 1.62 -3.31 -14.62
CA GLN A 81 2.56 -4.15 -15.35
C GLN A 81 2.08 -5.59 -15.38
N ALA A 82 1.37 -6.00 -14.33
CA ALA A 82 0.85 -7.35 -14.23
C ALA A 82 0.02 -7.73 -15.44
N TYR A 83 -0.97 -6.92 -15.78
CA TYR A 83 -1.76 -7.21 -16.95
C TYR A 83 -1.24 -6.50 -18.19
N TYR A 84 -0.51 -5.40 -17.98
CA TYR A 84 -0.13 -4.50 -19.07
C TYR A 84 -1.37 -3.89 -19.71
N GLN A 85 -2.18 -3.20 -18.89
CA GLN A 85 -3.33 -2.46 -19.39
C GLN A 85 -2.89 -1.54 -20.53
N ARG A 86 -2.31 -0.39 -20.18
CA ARG A 86 -1.44 0.30 -21.12
C ARG A 86 -0.03 -0.23 -20.94
N GLY A 87 0.22 -0.74 -19.74
CA GLY A 87 1.51 -1.25 -19.38
C GLY A 87 2.03 -0.50 -18.19
N ALA A 88 3.20 0.08 -18.32
CA ALA A 88 3.80 0.84 -17.24
C ALA A 88 5.05 1.55 -17.72
N SER A 89 4.85 2.59 -18.52
CA SER A 89 5.93 3.32 -19.16
C SER A 89 6.72 2.40 -20.08
N ARG A 22 -10.10 -4.99 -19.07
CA ARG A 22 -8.83 -5.55 -18.54
C ARG A 22 -8.83 -5.53 -17.02
N PRO A 23 -8.46 -6.65 -16.38
CA PRO A 23 -8.50 -6.79 -14.94
C PRO A 23 -7.32 -6.14 -14.22
N VAL A 24 -6.89 -4.99 -14.70
CA VAL A 24 -5.88 -4.21 -13.99
C VAL A 24 -6.53 -2.99 -13.35
N ASP A 25 -7.84 -3.07 -13.14
CA ASP A 25 -8.58 -1.97 -12.55
C ASP A 25 -8.11 -1.74 -11.12
N GLN A 26 -7.22 -2.61 -10.68
CA GLN A 26 -6.50 -2.44 -9.43
C GLN A 26 -5.82 -1.09 -9.39
N TYR A 27 -5.18 -0.71 -10.50
CA TYR A 27 -4.46 0.56 -10.56
C TYR A 27 -5.34 1.64 -11.16
N SER A 28 -6.26 1.26 -12.02
CA SER A 28 -7.20 2.20 -12.62
C SER A 28 -8.17 2.77 -11.57
N ASN A 29 -8.24 2.11 -10.42
CA ASN A 29 -9.12 2.52 -9.33
C ASN A 29 -8.29 3.20 -8.23
N GLN A 30 -7.14 3.74 -8.67
CA GLN A 30 -6.04 4.15 -7.80
C GLN A 30 -6.47 4.91 -6.56
N ASN A 31 -7.13 6.06 -6.74
CA ASN A 31 -7.46 6.94 -5.63
C ASN A 31 -8.30 6.23 -4.57
N ASN A 32 -9.15 5.32 -5.01
CA ASN A 32 -10.03 4.60 -4.09
C ASN A 32 -9.25 3.62 -3.25
N PHE A 33 -8.20 3.04 -3.80
CA PHE A 33 -7.41 2.11 -3.04
C PHE A 33 -6.40 2.86 -2.18
N VAL A 34 -6.11 4.10 -2.54
CA VAL A 34 -5.27 4.91 -1.68
C VAL A 34 -5.97 5.07 -0.34
N HIS A 35 -7.24 5.44 -0.40
CA HIS A 35 -8.02 5.58 0.83
C HIS A 35 -8.24 4.22 1.49
N ASP A 36 -8.90 3.31 0.79
CA ASP A 36 -9.25 2.01 1.39
C ASP A 36 -8.05 1.12 1.61
N CYS A 37 -7.34 0.79 0.53
CA CYS A 37 -6.23 -0.15 0.62
C CYS A 37 -5.14 0.38 1.53
N VAL A 38 -4.75 1.64 1.40
CA VAL A 38 -3.65 2.15 2.21
C VAL A 38 -4.05 2.17 3.67
N ASN A 39 -5.33 2.36 3.94
CA ASN A 39 -5.82 2.24 5.31
C ASN A 39 -5.57 0.82 5.84
N ILE A 40 -6.09 -0.18 5.15
CA ILE A 40 -5.95 -1.56 5.61
C ILE A 40 -4.50 -2.02 5.65
N THR A 41 -3.70 -1.56 4.69
CA THR A 41 -2.26 -1.83 4.73
C THR A 41 -1.58 -1.12 5.89
N VAL A 42 -2.09 0.06 6.27
CA VAL A 42 -1.60 0.70 7.48
C VAL A 42 -1.89 -0.19 8.68
N LYS A 43 -3.11 -0.72 8.72
CA LYS A 43 -3.49 -1.67 9.76
C LYS A 43 -2.53 -2.85 9.74
N GLN A 44 -2.28 -3.38 8.55
CA GLN A 44 -1.37 -4.50 8.35
C GLN A 44 0.01 -4.20 8.90
N HIS A 45 0.58 -3.09 8.48
CA HIS A 45 1.93 -2.73 8.87
C HIS A 45 2.01 -2.46 10.37
N THR A 46 1.00 -1.77 10.91
CA THR A 46 0.96 -1.49 12.33
C THR A 46 0.82 -2.78 13.14
N VAL A 47 0.08 -3.75 12.61
CA VAL A 47 -0.09 -5.03 13.27
C VAL A 47 1.23 -5.79 13.32
N THR A 48 1.92 -5.89 12.18
CA THR A 48 3.21 -6.54 12.13
C THR A 48 4.20 -5.82 13.03
N THR A 49 4.21 -4.50 12.94
CA THR A 49 5.11 -3.68 13.74
C THR A 49 4.78 -3.73 15.23
N THR A 50 3.53 -3.99 15.55
CA THR A 50 3.18 -4.20 16.94
C THR A 50 3.63 -5.59 17.38
N THR A 51 3.34 -6.59 16.57
CA THR A 51 3.66 -7.95 16.94
C THR A 51 5.17 -8.23 16.82
N LYS A 52 5.92 -7.29 16.25
CA LYS A 52 7.37 -7.40 16.17
C LYS A 52 8.04 -7.17 17.53
N GLY A 53 7.25 -6.77 18.52
CA GLY A 53 7.80 -6.50 19.84
C GLY A 53 7.11 -5.36 20.56
N GLU A 54 6.13 -4.75 19.88
CA GLU A 54 5.32 -3.68 20.44
C GLU A 54 6.17 -2.52 20.92
N ASN A 55 6.71 -1.75 19.98
CA ASN A 55 7.51 -0.57 20.30
C ASN A 55 7.15 0.57 19.35
N PHE A 56 7.27 0.31 18.04
CA PHE A 56 6.83 1.24 17.00
C PHE A 56 7.12 2.70 17.34
N THR A 57 6.09 3.42 17.78
CA THR A 57 6.20 4.82 18.18
C THR A 57 5.84 5.68 16.97
N GLU A 58 5.31 6.88 17.17
CA GLU A 58 4.87 7.71 16.05
C GLU A 58 5.94 7.78 14.97
N THR A 59 7.20 7.73 15.38
CA THR A 59 8.32 7.71 14.44
C THR A 59 8.18 6.54 13.48
N ASP A 60 8.03 5.36 14.04
CA ASP A 60 7.96 4.15 13.25
C ASP A 60 6.63 4.07 12.54
N ILE A 61 5.57 4.53 13.21
CA ILE A 61 4.21 4.39 12.69
C ILE A 61 3.91 5.35 11.55
N LYS A 62 4.41 6.57 11.64
CA LYS A 62 4.31 7.48 10.53
C LYS A 62 5.12 6.92 9.38
N ALA A 63 6.30 6.41 9.71
CA ALA A 63 7.16 5.77 8.72
C ALA A 63 6.45 4.57 8.10
N MET A 64 5.68 3.85 8.92
CA MET A 64 4.86 2.75 8.44
C MET A 64 3.94 3.23 7.34
N GLU A 65 3.15 4.24 7.65
CA GLU A 65 2.18 4.81 6.73
C GLU A 65 2.82 5.22 5.39
N ARG A 66 4.06 5.68 5.44
CA ARG A 66 4.76 6.10 4.22
C ARG A 66 5.02 4.90 3.34
N VAL A 67 5.54 3.87 3.97
CA VAL A 67 5.82 2.60 3.30
C VAL A 67 4.51 1.95 2.85
N VAL A 68 3.47 2.18 3.63
CA VAL A 68 2.16 1.61 3.36
C VAL A 68 1.46 2.27 2.17
N GLU A 69 1.48 3.60 2.09
CA GLU A 69 0.90 4.28 0.94
C GLU A 69 1.57 3.78 -0.33
N GLN A 70 2.88 3.62 -0.24
CA GLN A 70 3.64 3.02 -1.31
C GLN A 70 3.37 1.53 -1.42
N MET A 71 2.97 0.89 -0.33
CA MET A 71 2.74 -0.55 -0.33
C MET A 71 1.58 -0.90 -1.25
N CYS A 72 0.45 -0.25 -1.06
CA CYS A 72 -0.71 -0.47 -1.92
C CYS A 72 -0.45 0.06 -3.32
N ILE A 73 0.03 1.28 -3.40
CA ILE A 73 0.28 1.95 -4.67
C ILE A 73 1.30 1.17 -5.49
N THR A 74 2.32 0.65 -4.84
CA THR A 74 3.31 -0.18 -5.50
C THR A 74 2.73 -1.51 -5.97
N GLN A 75 1.96 -2.16 -5.12
CA GLN A 75 1.36 -3.45 -5.49
C GLN A 75 0.35 -3.27 -6.61
N TYR A 76 -0.38 -2.17 -6.57
CA TYR A 76 -1.35 -1.90 -7.61
C TYR A 76 -0.67 -1.38 -8.87
N GLN A 77 0.49 -0.74 -8.73
CA GLN A 77 1.33 -0.47 -9.90
C GLN A 77 1.76 -1.77 -10.54
N ARG A 78 1.99 -2.79 -9.70
CA ARG A 78 2.33 -4.11 -10.19
C ARG A 78 1.23 -4.63 -11.10
N GLU A 79 -0.03 -4.33 -10.76
CA GLU A 79 -1.12 -4.72 -11.64
C GLU A 79 -1.01 -4.02 -12.99
N SER A 80 -0.81 -2.72 -12.96
CA SER A 80 -0.78 -1.94 -14.18
C SER A 80 0.38 -2.36 -15.08
N GLN A 81 1.51 -2.70 -14.49
CA GLN A 81 2.61 -3.24 -15.26
C GLN A 81 2.29 -4.66 -15.69
N ALA A 82 1.57 -5.38 -14.84
CA ALA A 82 1.24 -6.77 -15.10
C ALA A 82 0.62 -6.94 -16.48
N TYR A 83 -0.44 -6.19 -16.76
CA TYR A 83 -1.03 -6.25 -18.08
C TYR A 83 -0.44 -5.18 -19.00
N TYR A 84 0.18 -4.17 -18.39
CA TYR A 84 0.70 -3.01 -19.10
C TYR A 84 -0.46 -2.18 -19.65
N GLN A 85 -1.25 -1.56 -18.75
CA GLN A 85 -2.37 -0.72 -19.16
C GLN A 85 -1.86 0.45 -20.02
N ARG A 86 -1.01 1.28 -19.45
CA ARG A 86 -0.17 2.14 -20.28
C ARG A 86 1.09 1.37 -20.60
N GLY A 87 1.55 0.64 -19.61
CA GLY A 87 2.66 -0.27 -19.77
C GLY A 87 3.88 0.16 -18.98
N ALA A 88 4.30 1.41 -19.20
CA ALA A 88 5.49 1.97 -18.55
C ALA A 88 6.75 1.34 -19.12
N SER A 89 6.94 0.05 -18.87
CA SER A 89 8.06 -0.68 -19.40
C SER A 89 7.68 -1.32 -20.74
#